data_6Q8C
#
_entry.id   6Q8C
#
_cell.length_a   49.321
_cell.length_b   82.001
_cell.length_c   227.725
_cell.angle_alpha   90.000
_cell.angle_beta   90.000
_cell.angle_gamma   90.000
#
_symmetry.space_group_name_H-M   'P 21 21 21'
#
loop_
_entity.id
_entity.type
_entity.pdbx_description
1 polymer 'Leucine--tRNA ligase'
2 non-polymer "5'-O-(N-(L-Leucyl)-Sulfamoyl)Uridine"
3 non-polymer 'ZINC ION'
4 non-polymer 1,2-ETHANEDIOL
5 non-polymer 'MAGNESIUM ION'
6 water water
#
_entity_poly.entity_id   1
_entity_poly.type   'polypeptide(L)'
_entity_poly.pdbx_seq_one_letter_code
;GMQEHYQPAAIEPAAQKKWDDARISNVSEDASKPKYYCLSMFPYPSGKLHMGHVRNYTIGDVLSRFKLLNGFNVMQPMGW
DAFGMPAENAAMKNNVAPAAWTYDNIEYMKTQLKSLGFAVDWEREVATCKPEYYRWEQWLFTKLFEKGIVYRKNGTVNWD
PVDQTVLANEQVIDGRGWRSGALIEKREIPMYYFKITDYAEELLNDLDKLEHWPEQVKTMQRNWIGKSRGMTVRFAVSDD
SKQGLEGDYAKFLQVYTTRPDTLMGATYVAVAAEHPLATAAAADKPELQAFIAECKAGSVAEADMATMEKKGVPTGRYVV
NPLNGDKLEVWIANYVLWGYGDGAVMAVPAHDERDFEFAAKYNLPKKQVIAVGDNAFDANRWQEWYGDKENGVLVNSGDL
DGLDFQTAFDAVAAKLQSQGAGEPKTQYRLRDWGISRQRYWGCPIPIVHCEKCGNVPVPADQLPVVLPENVVPDGMGSPL
AKMPEFYETSCPCCGGAAKRETDTMDTFIESSWYFFRYMSPKFSDGMVSAESAKYWGAVDQYIGGIEHAILHLLYARFFT
KLMRDEGLVNVDEPFERLLTQGMVVCETYYRENDKGGKDWINPADVELTFDDKGRPVSAVLKADGLPVVISGTEKMSKSK
NNGVDPQELINAYGADTARLFMMFAAPPEQSLEWSDSGVEGAHRFLRRLWRTVYEYLKQGGAVKAFAGNQDGLSKELKDL
RHKLHSTTAKVSDDYGRRQQFNTAIAAVMELLNQYDKTDTGSEQGRAVAQEVLEAAVRLLWPIVPHICETLWSELNGAKL
WEAGWPTVDEAALVKSEIEVMVQVNGKLRGKITVAADASKADLEAAALANEGAVKFMEGKPAKKIIVVPGRLVNIVV
;
_entity_poly.pdbx_strand_id   A
#
loop_
_chem_comp.id
_chem_comp.type
_chem_comp.name
_chem_comp.formula
EDO non-polymer 1,2-ETHANEDIOL 'C2 H6 O2'
LSU non-polymer 5'-O-(N-(L-Leucyl)-Sulfamoyl)Uridine 'C15 H24 N4 O9 S'
MG non-polymer 'MAGNESIUM ION' 'Mg 2'
ZN non-polymer 'ZINC ION' 'Zn 2'
#
# COMPACT_ATOMS: atom_id res chain seq x y z
N MET A 2 -29.36 -31.22 -17.97
CA MET A 2 -28.07 -30.83 -17.44
C MET A 2 -26.99 -31.85 -17.75
N GLN A 3 -25.85 -31.39 -18.27
CA GLN A 3 -24.71 -32.27 -18.48
C GLN A 3 -24.23 -32.83 -17.14
N GLU A 4 -23.89 -34.11 -17.13
CA GLU A 4 -23.59 -34.79 -15.88
C GLU A 4 -22.25 -34.38 -15.29
N HIS A 5 -21.27 -34.08 -16.13
CA HIS A 5 -19.90 -33.86 -15.68
C HIS A 5 -19.49 -32.41 -15.82
N TYR A 6 -18.71 -31.94 -14.84
CA TYR A 6 -18.21 -30.58 -14.81
C TYR A 6 -17.14 -30.39 -15.89
N GLN A 7 -17.38 -29.45 -16.81
CA GLN A 7 -16.44 -29.15 -17.89
C GLN A 7 -16.09 -27.67 -17.85
N PRO A 8 -15.09 -27.28 -17.06
CA PRO A 8 -14.78 -25.84 -16.94
C PRO A 8 -14.34 -25.23 -18.27
N ALA A 9 -13.52 -25.92 -19.05
CA ALA A 9 -13.09 -25.39 -20.34
C ALA A 9 -14.27 -25.10 -21.27
N ALA A 10 -15.43 -25.70 -21.04
CA ALA A 10 -16.64 -25.39 -21.79
C ALA A 10 -17.56 -24.38 -21.08
N ILE A 11 -17.81 -24.57 -19.78
CA ILE A 11 -18.75 -23.70 -19.08
C ILE A 11 -18.20 -22.29 -18.93
N GLU A 12 -16.88 -22.13 -18.81
CA GLU A 12 -16.33 -20.83 -18.43
C GLU A 12 -16.44 -19.80 -19.55
N PRO A 13 -16.06 -20.08 -20.81
CA PRO A 13 -16.29 -19.10 -21.88
C PRO A 13 -17.75 -18.74 -22.06
N ALA A 14 -18.65 -19.72 -21.97
CA ALA A 14 -20.07 -19.46 -22.14
C ALA A 14 -20.61 -18.52 -21.05
N ALA A 15 -20.15 -18.70 -19.82
CA ALA A 15 -20.61 -17.81 -18.74
C ALA A 15 -20.08 -16.39 -18.93
N GLN A 16 -18.83 -16.23 -19.33
CA GLN A 16 -18.29 -14.89 -19.56
C GLN A 16 -19.05 -14.18 -20.68
N LYS A 17 -19.36 -14.90 -21.75
CA LYS A 17 -20.16 -14.33 -22.84
C LYS A 17 -21.52 -13.86 -22.34
N LYS A 18 -22.17 -14.70 -21.53
CA LYS A 18 -23.44 -14.33 -20.90
C LYS A 18 -23.31 -13.04 -20.09
N TRP A 19 -22.29 -12.96 -19.21
CA TRP A 19 -22.12 -11.73 -18.43
C TRP A 19 -21.79 -10.55 -19.35
N ASP A 20 -20.90 -10.75 -20.32
CA ASP A 20 -20.57 -9.68 -21.23
C ASP A 20 -21.78 -9.22 -22.02
N ASP A 21 -22.63 -10.16 -22.47
CA ASP A 21 -23.81 -9.80 -23.24
C ASP A 21 -24.83 -9.06 -22.40
N ALA A 22 -24.93 -9.37 -21.10
CA ALA A 22 -25.85 -8.64 -20.24
C ALA A 22 -25.26 -7.33 -19.74
N ARG A 23 -23.96 -7.07 -19.99
CA ARG A 23 -23.31 -5.81 -19.63
C ARG A 23 -23.38 -5.52 -18.14
N ILE A 24 -23.41 -6.57 -17.30
CA ILE A 24 -23.57 -6.35 -15.86
C ILE A 24 -22.41 -5.58 -15.26
N SER A 25 -21.23 -5.63 -15.86
CA SER A 25 -20.07 -4.95 -15.33
C SER A 25 -19.78 -3.62 -16.00
N ASN A 26 -20.49 -3.27 -17.08
CA ASN A 26 -20.36 -1.98 -17.75
C ASN A 26 -21.36 -1.01 -17.13
N VAL A 27 -20.90 -0.27 -16.11
CA VAL A 27 -21.79 0.56 -15.31
C VAL A 27 -21.67 2.02 -15.74
N SER A 28 -22.72 2.78 -15.46
CA SER A 28 -22.78 4.22 -15.67
C SER A 28 -22.98 4.92 -14.33
N GLU A 29 -23.13 6.25 -14.38
CA GLU A 29 -23.38 7.07 -13.19
C GLU A 29 -24.87 7.03 -12.87
N ASP A 30 -25.33 5.86 -12.44
CA ASP A 30 -26.76 5.61 -12.23
C ASP A 30 -27.18 6.12 -10.85
N ALA A 31 -27.88 7.26 -10.83
CA ALA A 31 -28.33 7.84 -9.57
C ALA A 31 -29.37 6.99 -8.87
N SER A 32 -30.00 6.06 -9.58
CA SER A 32 -31.01 5.18 -9.01
C SER A 32 -30.42 3.91 -8.42
N LYS A 33 -29.12 3.91 -8.12
CA LYS A 33 -28.46 2.77 -7.51
C LYS A 33 -27.34 3.26 -6.62
N PRO A 34 -27.07 2.58 -5.51
CA PRO A 34 -25.94 2.96 -4.65
C PRO A 34 -24.62 2.51 -5.25
N LYS A 35 -23.67 3.44 -5.36
CA LYS A 35 -22.39 3.18 -5.98
C LYS A 35 -21.46 2.40 -5.04
N TYR A 36 -20.58 1.62 -5.65
CA TYR A 36 -19.49 0.99 -4.91
C TYR A 36 -18.29 0.92 -5.84
N TYR A 37 -17.22 1.61 -5.46
CA TYR A 37 -16.01 1.70 -6.27
C TYR A 37 -14.97 0.79 -5.63
N CYS A 38 -14.71 -0.35 -6.27
CA CYS A 38 -13.74 -1.33 -5.80
C CYS A 38 -12.59 -1.39 -6.79
N LEU A 39 -11.37 -1.16 -6.29
CA LEU A 39 -10.22 -0.97 -7.13
C LEU A 39 -9.07 -1.84 -6.66
N SER A 40 -8.51 -2.62 -7.59
CA SER A 40 -7.25 -3.30 -7.39
C SER A 40 -6.14 -2.54 -8.14
N MET A 41 -4.95 -2.51 -7.54
CA MET A 41 -3.84 -1.77 -8.10
C MET A 41 -3.54 -2.23 -9.52
N PHE A 42 -3.60 -1.30 -10.48
CA PHE A 42 -3.46 -1.71 -11.87
C PHE A 42 -2.01 -2.10 -12.18
N PRO A 43 -1.80 -3.05 -13.08
CA PRO A 43 -0.47 -3.62 -13.27
C PRO A 43 0.36 -2.90 -14.32
N TYR A 44 1.67 -3.06 -14.18
CA TYR A 44 2.57 -2.79 -15.30
C TYR A 44 2.33 -3.83 -16.38
N PRO A 45 2.17 -3.43 -17.65
CA PRO A 45 2.03 -4.42 -18.75
C PRO A 45 3.40 -4.91 -19.20
N SER A 46 3.96 -5.82 -18.40
CA SER A 46 5.32 -6.27 -18.63
C SER A 46 5.39 -7.63 -19.31
N GLY A 47 4.30 -8.07 -19.93
CA GLY A 47 4.31 -9.33 -20.64
C GLY A 47 3.14 -10.24 -20.33
N LYS A 48 3.14 -10.86 -19.16
CA LYS A 48 2.13 -11.86 -18.84
C LYS A 48 1.75 -11.75 -17.37
N LEU A 49 0.52 -12.15 -17.08
CA LEU A 49 0.05 -12.18 -15.70
C LEU A 49 0.85 -13.19 -14.89
N HIS A 50 1.12 -12.84 -13.64
CA HIS A 50 1.74 -13.73 -12.68
C HIS A 50 0.68 -14.23 -11.70
N MET A 51 1.02 -15.33 -11.02
CA MET A 51 0.10 -15.88 -10.02
C MET A 51 -0.27 -14.85 -8.96
N GLY A 52 0.65 -13.94 -8.64
CA GLY A 52 0.35 -12.89 -7.67
C GLY A 52 -0.73 -11.93 -8.18
N HIS A 53 -0.55 -11.41 -9.40
CA HIS A 53 -1.61 -10.73 -10.12
C HIS A 53 -2.96 -11.40 -9.89
N VAL A 54 -3.03 -12.71 -10.13
CA VAL A 54 -4.31 -13.39 -10.09
C VAL A 54 -4.89 -13.36 -8.68
N ARG A 55 -4.04 -13.51 -7.66
CA ARG A 55 -4.54 -13.43 -6.29
C ARG A 55 -5.10 -12.05 -5.99
N ASN A 56 -4.30 -11.00 -6.21
CA ASN A 56 -4.73 -9.61 -6.03
C ASN A 56 -6.08 -9.36 -6.69
N TYR A 57 -6.20 -9.73 -7.97
CA TYR A 57 -7.38 -9.35 -8.75
C TYR A 57 -8.57 -10.26 -8.47
N THR A 58 -8.35 -11.52 -8.11
CA THR A 58 -9.46 -12.35 -7.62
C THR A 58 -10.05 -11.76 -6.34
N ILE A 59 -9.19 -11.27 -5.44
CA ILE A 59 -9.70 -10.68 -4.19
C ILE A 59 -10.59 -9.49 -4.50
N GLY A 60 -10.12 -8.58 -5.36
CA GLY A 60 -10.96 -7.47 -5.76
C GLY A 60 -12.28 -7.94 -6.35
N ASP A 61 -12.22 -9.01 -7.14
CA ASP A 61 -13.42 -9.51 -7.80
C ASP A 61 -14.41 -10.13 -6.81
N VAL A 62 -13.92 -10.78 -5.75
CA VAL A 62 -14.88 -11.37 -4.80
C VAL A 62 -15.63 -10.25 -4.10
N LEU A 63 -14.96 -9.15 -3.79
CA LEU A 63 -15.63 -8.06 -3.08
C LEU A 63 -16.54 -7.29 -4.02
N SER A 64 -16.14 -7.12 -5.28
CA SER A 64 -17.01 -6.45 -6.23
C SER A 64 -18.29 -7.26 -6.46
N ARG A 65 -18.14 -8.57 -6.69
CA ARG A 65 -19.30 -9.42 -6.96
C ARG A 65 -20.19 -9.56 -5.72
N PHE A 66 -19.60 -9.54 -4.53
CA PHE A 66 -20.39 -9.54 -3.31
C PHE A 66 -21.26 -8.28 -3.23
N LYS A 67 -20.66 -7.11 -3.51
CA LYS A 67 -21.43 -5.87 -3.46
C LYS A 67 -22.48 -5.82 -4.55
N LEU A 68 -22.19 -6.41 -5.72
CA LEU A 68 -23.15 -6.40 -6.81
C LEU A 68 -24.37 -7.24 -6.49
N LEU A 69 -24.17 -8.43 -5.91
CA LEU A 69 -25.31 -9.25 -5.50
C LEU A 69 -26.12 -8.59 -4.39
N ASN A 70 -25.54 -7.63 -3.68
CA ASN A 70 -26.27 -6.87 -2.70
C ASN A 70 -26.89 -5.60 -3.26
N GLY A 71 -26.90 -5.46 -4.59
CA GLY A 71 -27.61 -4.39 -5.24
C GLY A 71 -26.82 -3.13 -5.49
N PHE A 72 -25.51 -3.15 -5.26
CA PHE A 72 -24.70 -1.96 -5.47
C PHE A 72 -24.38 -1.79 -6.96
N ASN A 73 -24.26 -0.54 -7.37
CA ASN A 73 -23.77 -0.19 -8.70
C ASN A 73 -22.25 -0.23 -8.65
N VAL A 74 -21.67 -1.38 -9.01
CA VAL A 74 -20.27 -1.64 -8.74
C VAL A 74 -19.42 -1.25 -9.96
N MET A 75 -18.45 -0.37 -9.74
CA MET A 75 -17.41 -0.10 -10.74
C MET A 75 -16.13 -0.80 -10.30
N GLN A 76 -15.66 -1.73 -11.13
CA GLN A 76 -14.39 -2.41 -10.92
C GLN A 76 -13.54 -2.23 -12.17
N PRO A 77 -12.74 -1.17 -12.23
CA PRO A 77 -11.98 -0.85 -13.44
C PRO A 77 -10.59 -1.49 -13.47
N MET A 78 -10.09 -1.70 -14.69
CA MET A 78 -8.73 -2.16 -14.88
C MET A 78 -8.03 -1.30 -15.93
N GLY A 79 -6.71 -1.38 -15.94
CA GLY A 79 -5.92 -0.52 -16.80
C GLY A 79 -4.44 -0.85 -16.63
N TRP A 80 -3.61 -0.08 -17.34
CA TRP A 80 -2.21 -0.42 -17.55
C TRP A 80 -1.31 0.73 -17.15
N ASP A 81 -0.47 0.50 -16.14
CA ASP A 81 0.54 1.45 -15.68
C ASP A 81 1.75 1.27 -16.59
N ALA A 82 1.68 1.92 -17.75
CA ALA A 82 2.42 1.48 -18.92
C ALA A 82 3.78 2.15 -19.09
N PHE A 83 4.07 3.22 -18.37
CA PHE A 83 5.34 3.90 -18.56
C PHE A 83 6.42 3.29 -17.67
N GLY A 84 7.67 3.50 -18.04
CA GLY A 84 8.75 3.16 -17.14
C GLY A 84 9.81 2.29 -17.78
N MET A 85 10.68 1.76 -16.93
CA MET A 85 11.92 1.09 -17.30
C MET A 85 11.76 -0.30 -17.91
N PRO A 86 10.82 -1.14 -17.43
CA PRO A 86 10.62 -2.46 -18.06
C PRO A 86 10.62 -2.44 -19.59
N ALA A 87 9.93 -1.46 -20.18
CA ALA A 87 9.89 -1.37 -21.63
C ALA A 87 11.20 -0.86 -22.21
N GLU A 88 11.94 -0.04 -21.44
CA GLU A 88 13.21 0.46 -21.95
C GLU A 88 14.24 -0.66 -22.06
N ASN A 89 14.32 -1.53 -21.04
CA ASN A 89 15.22 -2.67 -21.12
C ASN A 89 14.78 -3.63 -22.22
N ALA A 90 13.47 -3.83 -22.35
CA ALA A 90 12.97 -4.65 -23.45
C ALA A 90 13.28 -4.04 -24.80
N ALA A 91 13.37 -2.71 -24.87
CA ALA A 91 13.83 -2.06 -26.09
C ALA A 91 15.32 -2.29 -26.30
N MET A 92 16.12 -2.14 -25.24
CA MET A 92 17.54 -2.40 -25.34
C MET A 92 17.80 -3.86 -25.67
N LYS A 93 17.14 -4.77 -24.95
CA LYS A 93 17.50 -6.18 -25.03
C LYS A 93 17.08 -6.79 -26.37
N ASN A 94 15.89 -6.45 -26.87
CA ASN A 94 15.30 -7.15 -28.00
C ASN A 94 15.10 -6.30 -29.24
N ASN A 95 15.61 -5.05 -29.27
CA ASN A 95 15.63 -4.23 -30.48
C ASN A 95 14.19 -3.96 -30.98
N VAL A 96 13.43 -3.25 -30.15
CA VAL A 96 12.03 -2.98 -30.44
C VAL A 96 11.62 -1.70 -29.71
N ALA A 97 10.54 -1.08 -30.17
CA ALA A 97 10.07 0.15 -29.54
C ALA A 97 9.33 -0.16 -28.25
N PRO A 98 9.58 0.61 -27.18
CA PRO A 98 8.85 0.36 -25.92
C PRO A 98 7.34 0.44 -26.07
N ALA A 99 6.83 1.30 -26.94
CA ALA A 99 5.39 1.39 -27.14
C ALA A 99 4.83 0.09 -27.69
N ALA A 100 5.36 -0.37 -28.83
CA ALA A 100 4.84 -1.59 -29.45
C ALA A 100 5.04 -2.80 -28.54
N TRP A 101 6.14 -2.85 -27.81
CA TRP A 101 6.32 -3.89 -26.82
C TRP A 101 5.27 -3.78 -25.71
N THR A 102 4.84 -2.56 -25.40
CA THR A 102 3.87 -2.35 -24.33
C THR A 102 2.47 -2.77 -24.76
N TYR A 103 2.06 -2.36 -25.97
CA TYR A 103 0.70 -2.71 -26.42
C TYR A 103 0.57 -4.21 -26.67
N ASP A 104 1.64 -4.87 -27.13
CA ASP A 104 1.62 -6.32 -27.23
C ASP A 104 1.34 -6.96 -25.88
N ASN A 105 1.99 -6.47 -24.83
CA ASN A 105 1.76 -7.05 -23.51
C ASN A 105 0.35 -6.77 -23.04
N ILE A 106 -0.13 -5.54 -23.25
CA ILE A 106 -1.49 -5.18 -22.84
C ILE A 106 -2.49 -6.14 -23.44
N GLU A 107 -2.35 -6.45 -24.74
CA GLU A 107 -3.28 -7.34 -25.41
C GLU A 107 -3.28 -8.73 -24.78
N TYR A 108 -2.09 -9.30 -24.59
CA TYR A 108 -2.00 -10.63 -23.98
C TYR A 108 -2.59 -10.65 -22.58
N MET A 109 -2.15 -9.72 -21.73
CA MET A 109 -2.58 -9.76 -20.33
C MET A 109 -4.07 -9.51 -20.19
N LYS A 110 -4.62 -8.59 -20.99
CA LYS A 110 -6.06 -8.34 -20.96
C LYS A 110 -6.84 -9.60 -21.32
N THR A 111 -6.40 -10.31 -22.36
CA THR A 111 -7.03 -11.60 -22.66
C THR A 111 -6.89 -12.56 -21.48
N GLN A 112 -5.74 -12.54 -20.81
CA GLN A 112 -5.57 -13.38 -19.63
C GLN A 112 -6.56 -12.98 -18.55
N LEU A 113 -6.69 -11.67 -18.30
CA LEU A 113 -7.62 -11.20 -17.27
C LEU A 113 -9.06 -11.53 -17.64
N LYS A 114 -9.42 -11.46 -18.92
CA LYS A 114 -10.77 -11.77 -19.35
C LYS A 114 -11.10 -13.23 -19.09
N SER A 115 -10.15 -14.13 -19.33
CA SER A 115 -10.38 -15.55 -19.18
C SER A 115 -10.56 -15.98 -17.72
N LEU A 116 -10.14 -15.15 -16.77
CA LEU A 116 -10.40 -15.43 -15.37
C LEU A 116 -11.77 -14.93 -14.92
N GLY A 117 -12.47 -14.20 -15.79
CA GLY A 117 -13.86 -13.86 -15.54
C GLY A 117 -14.08 -12.84 -14.45
N PHE A 118 -13.17 -11.89 -14.29
CA PHE A 118 -13.38 -10.80 -13.34
C PHE A 118 -14.48 -9.88 -13.84
N ALA A 119 -15.25 -9.35 -12.90
CA ALA A 119 -16.40 -8.50 -13.22
C ALA A 119 -15.95 -7.05 -13.38
N VAL A 120 -15.31 -6.80 -14.53
CA VAL A 120 -14.57 -5.56 -14.77
C VAL A 120 -15.26 -4.75 -15.86
N ASP A 121 -15.33 -3.43 -15.65
CA ASP A 121 -15.85 -2.52 -16.68
C ASP A 121 -14.73 -2.20 -17.68
N TRP A 122 -14.58 -3.09 -18.67
CA TRP A 122 -13.58 -2.88 -19.70
C TRP A 122 -13.85 -1.65 -20.56
N GLU A 123 -15.01 -1.00 -20.43
CA GLU A 123 -15.20 0.26 -21.12
C GLU A 123 -14.47 1.42 -20.44
N ARG A 124 -13.98 1.24 -19.22
CA ARG A 124 -13.24 2.27 -18.51
C ARG A 124 -11.74 1.99 -18.48
N GLU A 125 -11.28 1.07 -19.30
CA GLU A 125 -9.85 0.75 -19.38
C GLU A 125 -9.04 1.97 -19.81
N VAL A 126 -7.89 2.17 -19.17
CA VAL A 126 -6.95 3.21 -19.57
C VAL A 126 -5.57 2.59 -19.76
N ALA A 127 -4.79 3.20 -20.64
CA ALA A 127 -3.38 2.88 -20.82
C ALA A 127 -2.61 4.18 -20.62
N THR A 128 -1.79 4.25 -19.57
CA THR A 128 -1.23 5.53 -19.16
C THR A 128 -0.17 6.06 -20.12
N CYS A 129 0.34 5.22 -21.01
CA CYS A 129 1.29 5.68 -22.02
C CYS A 129 0.60 6.33 -23.21
N LYS A 130 -0.74 6.42 -23.20
CA LYS A 130 -1.52 7.00 -24.29
C LYS A 130 -1.66 8.50 -24.10
N PRO A 131 -1.45 9.31 -25.16
CA PRO A 131 -1.68 10.76 -25.04
C PRO A 131 -3.04 11.11 -24.45
N GLU A 132 -4.06 10.30 -24.74
CA GLU A 132 -5.39 10.49 -24.17
C GLU A 132 -5.35 10.63 -22.66
N TYR A 133 -4.42 9.92 -22.00
CA TYR A 133 -4.34 9.91 -20.55
C TYR A 133 -3.37 10.97 -20.02
N TYR A 134 -2.10 10.93 -20.46
CA TYR A 134 -1.06 11.71 -19.79
C TYR A 134 -1.14 13.20 -20.10
N ARG A 135 -1.92 13.61 -21.10
CA ARG A 135 -2.10 15.03 -21.36
C ARG A 135 -2.63 15.77 -20.15
N TRP A 136 -3.43 15.09 -19.32
CA TRP A 136 -4.07 15.73 -18.19
C TRP A 136 -3.12 15.85 -17.00
N GLU A 137 -2.16 14.93 -16.87
CA GLU A 137 -1.16 15.13 -15.85
C GLU A 137 -0.14 16.18 -16.30
N GLN A 138 0.07 16.31 -17.61
CA GLN A 138 0.80 17.47 -18.11
C GLN A 138 0.05 18.75 -17.79
N TRP A 139 -1.26 18.76 -18.04
CA TRP A 139 -2.09 19.91 -17.74
C TRP A 139 -1.98 20.31 -16.28
N LEU A 140 -2.07 19.34 -15.38
CA LEU A 140 -2.00 19.65 -13.95
C LEU A 140 -0.62 20.17 -13.59
N PHE A 141 0.43 19.60 -14.22
CA PHE A 141 1.78 20.11 -14.03
C PHE A 141 1.86 21.59 -14.37
N THR A 142 1.32 21.99 -15.52
CA THR A 142 1.40 23.41 -15.90
C THR A 142 0.63 24.29 -14.90
N LYS A 143 -0.54 23.82 -14.44
CA LYS A 143 -1.32 24.64 -13.52
C LYS A 143 -0.61 24.80 -12.17
N LEU A 144 0.03 23.73 -11.69
CA LEU A 144 0.77 23.81 -10.44
C LEU A 144 2.10 24.55 -10.61
N PHE A 145 2.72 24.45 -11.78
CA PHE A 145 3.95 25.21 -12.04
C PHE A 145 3.70 26.71 -11.92
N GLU A 146 2.58 27.19 -12.50
CA GLU A 146 2.23 28.61 -12.42
C GLU A 146 1.98 29.04 -10.98
N LYS A 147 1.44 28.16 -10.15
CA LYS A 147 1.23 28.47 -8.74
C LYS A 147 2.49 28.32 -7.91
N GLY A 148 3.57 27.78 -8.47
CA GLY A 148 4.76 27.49 -7.70
C GLY A 148 4.71 26.20 -6.91
N ILE A 149 3.60 25.46 -6.94
CA ILE A 149 3.54 24.16 -6.29
C ILE A 149 4.52 23.20 -6.96
N VAL A 150 4.68 23.30 -8.27
CA VAL A 150 5.79 22.68 -8.98
C VAL A 150 6.82 23.75 -9.27
N TYR A 151 8.08 23.43 -9.06
CA TYR A 151 9.15 24.41 -9.25
C TYR A 151 10.38 23.68 -9.75
N ARG A 152 11.31 24.46 -10.28
CA ARG A 152 12.54 23.98 -10.88
C ARG A 152 13.71 24.46 -10.03
N LYS A 153 14.63 23.56 -9.71
CA LYS A 153 15.87 23.96 -9.06
C LYS A 153 16.90 22.86 -9.25
N ASN A 154 18.16 23.23 -9.02
CA ASN A 154 19.24 22.27 -9.16
C ASN A 154 19.12 21.16 -8.11
N GLY A 155 19.36 19.93 -8.55
CA GLY A 155 19.43 18.81 -7.64
C GLY A 155 20.60 17.92 -8.03
N THR A 156 20.97 17.03 -7.11
CA THR A 156 22.09 16.13 -7.30
C THR A 156 21.63 14.83 -7.96
N VAL A 157 22.32 14.41 -9.03
CA VAL A 157 22.12 13.09 -9.62
C VAL A 157 23.46 12.38 -9.75
N ASN A 158 23.38 11.06 -9.95
CA ASN A 158 24.56 10.23 -10.14
C ASN A 158 24.84 10.08 -11.64
N TRP A 159 25.97 10.65 -12.08
CA TRP A 159 26.40 10.59 -13.46
C TRP A 159 27.38 9.44 -13.64
N ASP A 160 27.12 8.57 -14.61
CA ASP A 160 28.06 7.52 -14.94
C ASP A 160 28.88 7.98 -16.14
N PRO A 161 30.17 8.26 -15.98
CA PRO A 161 30.94 8.85 -17.08
C PRO A 161 31.10 7.94 -18.30
N VAL A 162 30.94 6.64 -18.15
CA VAL A 162 31.18 5.69 -19.24
C VAL A 162 29.90 5.36 -19.99
N ASP A 163 28.85 4.95 -19.27
CA ASP A 163 27.57 4.70 -19.92
C ASP A 163 26.94 5.99 -20.44
N GLN A 164 27.36 7.16 -19.92
CA GLN A 164 26.87 8.46 -20.34
C GLN A 164 25.37 8.59 -20.04
N THR A 165 24.99 8.28 -18.81
CA THR A 165 23.60 8.33 -18.43
C THR A 165 23.51 8.60 -16.94
N VAL A 166 22.43 9.27 -16.53
CA VAL A 166 22.14 9.45 -15.12
C VAL A 166 21.78 8.09 -14.53
N LEU A 167 22.32 7.79 -13.37
CA LEU A 167 22.04 6.54 -12.68
C LEU A 167 21.22 6.80 -11.42
N ALA A 168 20.28 5.91 -11.14
CA ALA A 168 19.62 5.91 -9.85
C ALA A 168 20.49 5.18 -8.83
N ASN A 169 20.29 5.52 -7.56
CA ASN A 169 21.08 4.89 -6.50
C ASN A 169 20.91 3.38 -6.48
N GLU A 170 19.80 2.86 -7.01
CA GLU A 170 19.64 1.42 -7.14
C GLU A 170 20.64 0.82 -8.12
N GLN A 171 21.21 1.62 -9.01
CA GLN A 171 22.19 1.13 -9.98
C GLN A 171 23.63 1.52 -9.65
N VAL A 172 23.84 2.41 -8.67
CA VAL A 172 25.18 2.76 -8.23
C VAL A 172 25.55 1.81 -7.10
N ILE A 173 26.48 0.90 -7.39
CA ILE A 173 26.87 -0.16 -6.46
C ILE A 173 28.27 0.16 -5.94
N ASP A 174 28.37 0.43 -4.64
CA ASP A 174 29.63 0.80 -3.99
C ASP A 174 30.28 1.99 -4.69
N GLY A 175 29.47 2.87 -5.26
CA GLY A 175 29.96 4.06 -5.90
C GLY A 175 30.33 3.93 -7.36
N ARG A 176 29.77 2.94 -8.06
CA ARG A 176 30.14 2.71 -9.45
C ARG A 176 28.94 2.27 -10.26
N GLY A 177 28.96 2.62 -11.55
CA GLY A 177 27.90 2.26 -12.47
C GLY A 177 27.68 0.76 -12.58
N TRP A 178 26.42 0.34 -12.49
CA TRP A 178 26.07 -1.08 -12.51
C TRP A 178 26.68 -1.78 -13.71
N ARG A 179 26.39 -1.27 -14.92
CA ARG A 179 26.84 -1.87 -16.16
C ARG A 179 28.19 -1.31 -16.64
N SER A 180 29.00 -0.77 -15.72
CA SER A 180 30.25 -0.14 -16.11
C SER A 180 31.30 -0.24 -15.03
N GLY A 181 30.90 -0.15 -13.77
CA GLY A 181 31.86 -0.10 -12.68
C GLY A 181 32.66 1.18 -12.60
N ALA A 182 32.41 2.13 -13.50
CA ALA A 182 33.13 3.40 -13.45
C ALA A 182 32.67 4.23 -12.27
N LEU A 183 33.61 4.96 -11.66
CA LEU A 183 33.30 5.77 -10.51
C LEU A 183 32.21 6.78 -10.85
N ILE A 184 31.23 6.90 -9.96
CA ILE A 184 30.07 7.75 -10.21
C ILE A 184 30.41 9.18 -9.80
N GLU A 185 29.92 10.13 -10.58
CA GLU A 185 30.08 11.55 -10.27
C GLU A 185 28.75 12.15 -9.86
N LYS A 186 28.80 13.05 -8.88
CA LYS A 186 27.62 13.76 -8.39
C LYS A 186 27.58 15.12 -9.08
N ARG A 187 26.57 15.32 -9.93
CA ARG A 187 26.44 16.54 -10.71
C ARG A 187 25.15 17.28 -10.37
N GLU A 188 25.23 18.61 -10.35
CA GLU A 188 24.05 19.45 -10.20
C GLU A 188 23.38 19.66 -11.55
N ILE A 189 22.08 19.33 -11.63
CA ILE A 189 21.32 19.60 -12.85
C ILE A 189 19.95 20.16 -12.44
N PRO A 190 19.39 21.10 -13.20
CA PRO A 190 18.05 21.59 -12.89
C PRO A 190 17.02 20.49 -13.05
N MET A 191 16.14 20.38 -12.07
CA MET A 191 15.10 19.36 -12.09
C MET A 191 13.84 19.95 -11.49
N TYR A 192 12.73 19.22 -11.68
CA TYR A 192 11.41 19.70 -11.28
C TYR A 192 10.93 18.96 -10.05
N TYR A 193 10.22 19.69 -9.18
CA TYR A 193 9.84 19.18 -7.87
C TYR A 193 8.41 19.58 -7.57
N PHE A 194 7.65 18.66 -6.97
CA PHE A 194 6.39 18.99 -6.32
C PHE A 194 6.70 19.41 -4.89
N LYS A 195 6.20 20.57 -4.50
CA LYS A 195 6.37 21.07 -3.14
C LYS A 195 5.49 20.27 -2.18
N ILE A 196 5.73 18.98 -2.06
CA ILE A 196 4.87 18.18 -1.20
C ILE A 196 5.04 18.57 0.27
N THR A 197 6.16 19.23 0.63
CA THR A 197 6.36 19.64 2.02
C THR A 197 5.34 20.69 2.45
N ASP A 198 4.79 21.47 1.51
CA ASP A 198 3.74 22.42 1.86
C ASP A 198 2.46 21.73 2.34
N TYR A 199 2.30 20.44 2.04
CA TYR A 199 1.12 19.68 2.41
C TYR A 199 1.40 18.65 3.50
N ALA A 200 2.59 18.68 4.11
CA ALA A 200 3.00 17.65 5.07
C ALA A 200 2.00 17.53 6.21
N GLU A 201 1.61 18.68 6.78
CA GLU A 201 0.70 18.68 7.93
C GLU A 201 -0.65 18.11 7.56
N GLU A 202 -1.17 18.49 6.39
CA GLU A 202 -2.41 17.91 5.88
C GLU A 202 -2.27 16.40 5.67
N LEU A 203 -1.19 15.98 5.00
CA LEU A 203 -1.02 14.55 4.71
C LEU A 203 -0.85 13.73 5.98
N LEU A 204 -0.33 14.33 7.04
CA LEU A 204 -0.17 13.62 8.31
C LEU A 204 -1.49 13.51 9.04
N ASN A 205 -2.17 14.63 9.26
CA ASN A 205 -3.34 14.66 10.14
C ASN A 205 -4.52 13.94 9.51
N ASP A 206 -4.64 13.98 8.18
CA ASP A 206 -5.75 13.33 7.51
C ASP A 206 -5.67 11.80 7.59
N LEU A 207 -4.53 11.23 8.00
CA LEU A 207 -4.50 9.79 8.25
C LEU A 207 -5.47 9.41 9.36
N ASP A 208 -5.71 10.31 10.32
CA ASP A 208 -6.60 10.03 11.43
C ASP A 208 -8.03 9.77 10.95
N LYS A 209 -8.39 10.32 9.79
CA LYS A 209 -9.71 10.04 9.24
C LYS A 209 -9.86 8.64 8.69
N LEU A 210 -8.75 7.94 8.42
CA LEU A 210 -8.82 6.63 7.75
C LEU A 210 -8.98 5.52 8.81
N GLU A 211 -10.19 5.46 9.38
CA GLU A 211 -10.49 4.45 10.39
C GLU A 211 -10.50 3.04 9.82
N HIS A 212 -10.59 2.88 8.50
CA HIS A 212 -10.64 1.56 7.89
C HIS A 212 -9.36 1.24 7.11
N TRP A 213 -8.21 1.81 7.55
CA TRP A 213 -6.90 1.42 7.03
C TRP A 213 -6.14 0.59 8.06
N PRO A 214 -5.32 -0.37 7.62
CA PRO A 214 -4.45 -1.06 8.58
C PRO A 214 -3.56 -0.06 9.30
N GLU A 215 -3.46 -0.22 10.62
CA GLU A 215 -2.75 0.76 11.42
C GLU A 215 -1.27 0.84 11.04
N GLN A 216 -0.67 -0.30 10.66
CA GLN A 216 0.75 -0.29 10.30
C GLN A 216 1.00 0.54 9.05
N VAL A 217 0.07 0.53 8.10
CA VAL A 217 0.20 1.38 6.93
C VAL A 217 0.17 2.85 7.33
N LYS A 218 -0.69 3.20 8.28
CA LYS A 218 -0.74 4.58 8.74
C LYS A 218 0.55 4.93 9.49
N THR A 219 1.07 3.99 10.28
CA THR A 219 2.32 4.22 10.98
C THR A 219 3.48 4.40 10.01
N MET A 220 3.50 3.62 8.92
CA MET A 220 4.57 3.77 7.94
C MET A 220 4.52 5.16 7.29
N GLN A 221 3.32 5.67 7.03
CA GLN A 221 3.20 7.02 6.47
C GLN A 221 3.59 8.08 7.50
N ARG A 222 3.17 7.92 8.76
CA ARG A 222 3.59 8.89 9.78
C ARG A 222 5.10 8.94 9.91
N ASN A 223 5.76 7.77 9.89
CA ASN A 223 7.22 7.74 10.05
C ASN A 223 7.92 8.28 8.82
N TRP A 224 7.30 8.18 7.65
CA TRP A 224 7.91 8.71 6.45
C TRP A 224 7.86 10.22 6.43
N ILE A 225 6.67 10.78 6.65
CA ILE A 225 6.54 12.23 6.80
C ILE A 225 7.47 12.74 7.89
N GLY A 226 7.56 12.00 8.99
CA GLY A 226 8.54 12.25 10.03
C GLY A 226 8.44 13.63 10.65
N LYS A 227 7.23 14.02 11.05
CA LYS A 227 7.06 15.27 11.77
C LYS A 227 7.69 15.18 13.15
N SER A 228 8.35 16.25 13.56
CA SER A 228 8.81 16.39 14.93
C SER A 228 8.59 17.82 15.38
N ARG A 229 8.28 17.99 16.66
CA ARG A 229 8.20 19.29 17.30
C ARG A 229 9.45 19.45 18.17
N GLY A 230 10.27 20.44 17.87
CA GLY A 230 11.51 20.59 18.59
C GLY A 230 11.93 22.03 18.80
N MET A 231 13.22 22.24 19.02
CA MET A 231 13.74 23.55 19.41
C MET A 231 14.95 23.90 18.57
N THR A 232 14.92 25.09 17.96
CA THR A 232 16.13 25.69 17.40
C THR A 232 16.96 26.27 18.54
N VAL A 233 18.24 25.91 18.60
CA VAL A 233 19.11 26.30 19.69
C VAL A 233 20.42 26.85 19.12
N ARG A 234 20.79 28.06 19.52
CA ARG A 234 22.03 28.69 19.08
C ARG A 234 23.05 28.67 20.22
N PHE A 235 24.27 28.24 19.89
CA PHE A 235 25.40 28.29 20.80
C PHE A 235 26.36 29.35 20.26
N ALA A 236 26.57 30.41 21.03
CA ALA A 236 27.48 31.46 20.60
C ALA A 236 28.89 30.93 20.40
N VAL A 237 29.46 31.21 19.23
CA VAL A 237 30.86 30.87 18.98
C VAL A 237 31.73 31.54 20.03
N SER A 238 32.72 30.79 20.53
CA SER A 238 33.59 31.34 21.55
C SER A 238 34.53 32.39 20.95
N ASP A 239 35.18 33.14 21.84
CA ASP A 239 36.06 34.22 21.41
C ASP A 239 37.30 33.68 20.69
N ASP A 240 37.78 32.51 21.09
CA ASP A 240 38.97 31.89 20.51
C ASP A 240 38.67 31.05 19.27
N SER A 241 37.41 30.95 18.85
CA SER A 241 37.01 30.03 17.78
C SER A 241 36.39 30.76 16.59
N LYS A 242 36.85 31.98 16.32
CA LYS A 242 36.27 32.82 15.28
C LYS A 242 37.06 32.83 13.97
N GLN A 243 38.28 32.29 13.97
CA GLN A 243 39.15 32.35 12.80
C GLN A 243 38.44 31.84 11.54
N GLY A 244 38.41 32.69 10.52
CA GLY A 244 37.81 32.34 9.26
C GLY A 244 36.29 32.33 9.23
N LEU A 245 35.63 32.66 10.34
CA LEU A 245 34.18 32.70 10.39
C LEU A 245 33.67 34.09 10.09
N GLU A 246 32.70 34.18 9.17
CA GLU A 246 32.08 35.44 8.80
C GLU A 246 30.58 35.33 8.94
N GLY A 247 29.91 36.49 8.99
CA GLY A 247 28.47 36.51 9.08
C GLY A 247 27.95 35.98 10.40
N ASP A 248 26.76 35.37 10.35
CA ASP A 248 26.17 34.79 11.55
C ASP A 248 26.98 33.60 12.04
N TYR A 249 27.66 32.89 11.13
CA TYR A 249 28.47 31.75 11.54
C TYR A 249 29.61 32.15 12.44
N ALA A 250 30.07 33.40 12.36
CA ALA A 250 31.03 33.91 13.32
C ALA A 250 30.41 34.11 14.70
N LYS A 251 29.09 34.24 14.77
CA LYS A 251 28.41 34.60 16.01
C LYS A 251 27.91 33.38 16.79
N PHE A 252 27.21 32.45 16.12
CA PHE A 252 26.59 31.35 16.83
C PHE A 252 26.55 30.10 15.98
N LEU A 253 26.60 28.94 16.64
CA LEU A 253 26.28 27.66 16.01
C LEU A 253 24.82 27.34 16.30
N GLN A 254 24.02 27.19 15.24
CA GLN A 254 22.60 26.90 15.36
C GLN A 254 22.35 25.41 15.15
N VAL A 255 21.34 24.90 15.85
CA VAL A 255 21.12 23.48 16.02
C VAL A 255 19.62 23.26 16.18
N TYR A 256 19.12 22.15 15.61
CA TYR A 256 17.76 21.69 15.87
C TYR A 256 17.83 20.44 16.73
N THR A 257 17.02 20.40 17.80
CA THR A 257 16.91 19.23 18.64
C THR A 257 15.45 18.97 18.97
N THR A 258 15.09 17.69 19.04
CA THR A 258 13.77 17.31 19.52
C THR A 258 13.76 17.05 21.02
N ARG A 259 14.91 17.14 21.68
CA ARG A 259 15.03 16.93 23.12
C ARG A 259 15.65 18.15 23.79
N PRO A 260 15.03 19.32 23.69
CA PRO A 260 15.57 20.49 24.39
C PRO A 260 15.47 20.38 25.90
N ASP A 261 14.75 19.37 26.40
CA ASP A 261 14.73 19.07 27.83
C ASP A 261 16.03 18.46 28.31
N THR A 262 16.93 18.10 27.40
CA THR A 262 18.24 17.55 27.74
C THR A 262 19.37 18.51 27.42
N LEU A 263 19.06 19.80 27.22
CA LEU A 263 20.07 20.76 26.80
C LEU A 263 21.14 20.96 27.86
N MET A 264 20.80 20.76 29.14
CA MET A 264 21.80 20.87 30.20
C MET A 264 22.73 19.68 30.25
N GLY A 265 22.45 18.62 29.51
CA GLY A 265 23.29 17.44 29.44
C GLY A 265 24.12 17.30 28.19
N ALA A 266 24.19 18.33 27.35
CA ALA A 266 25.04 18.26 26.17
C ALA A 266 26.51 18.24 26.57
N THR A 267 27.30 17.41 25.88
CA THR A 267 28.72 17.31 26.18
C THR A 267 29.61 17.64 24.99
N TYR A 268 29.05 17.82 23.80
CA TYR A 268 29.76 18.33 22.63
C TYR A 268 28.69 18.64 21.58
N VAL A 269 29.14 19.08 20.41
CA VAL A 269 28.26 19.34 19.28
C VAL A 269 28.96 18.79 18.04
N ALA A 270 28.17 18.56 16.99
CA ALA A 270 28.66 17.97 15.75
C ALA A 270 28.11 18.74 14.55
N VAL A 271 28.96 18.97 13.56
CA VAL A 271 28.55 19.68 12.36
C VAL A 271 28.84 18.81 11.15
N ALA A 272 28.12 19.09 10.06
CA ALA A 272 28.36 18.37 8.83
C ALA A 272 29.70 18.80 8.24
N ALA A 273 30.24 17.94 7.38
CA ALA A 273 31.51 18.23 6.73
C ALA A 273 31.48 19.56 5.99
N GLU A 274 30.33 19.92 5.42
CA GLU A 274 30.18 21.15 4.64
C GLU A 274 29.87 22.37 5.50
N HIS A 275 29.74 22.21 6.81
CA HIS A 275 29.44 23.34 7.67
C HIS A 275 30.60 24.33 7.68
N PRO A 276 30.33 25.64 7.75
CA PRO A 276 31.43 26.61 7.70
C PRO A 276 32.42 26.46 8.84
N LEU A 277 31.97 26.01 10.01
CA LEU A 277 32.92 25.77 11.11
C LEU A 277 33.81 24.57 10.80
N ALA A 278 33.31 23.61 10.03
CA ALA A 278 34.15 22.50 9.60
C ALA A 278 35.23 22.99 8.64
N THR A 279 34.83 23.70 7.58
CA THR A 279 35.79 24.12 6.58
C THR A 279 36.74 25.18 7.13
N ALA A 280 36.31 25.97 8.12
CA ALA A 280 37.19 26.99 8.68
C ALA A 280 38.27 26.37 9.56
N ALA A 281 37.91 25.37 10.37
CA ALA A 281 38.93 24.71 11.17
C ALA A 281 39.81 23.79 10.35
N ALA A 282 39.35 23.37 9.17
CA ALA A 282 40.14 22.53 8.28
C ALA A 282 41.01 23.34 7.35
N ALA A 283 41.65 24.39 7.86
CA ALA A 283 42.58 25.20 7.07
C ALA A 283 44.00 24.77 7.34
N ASP A 284 44.52 25.09 8.53
CA ASP A 284 45.83 24.63 8.95
C ASP A 284 45.83 23.19 9.43
N LYS A 285 44.70 22.48 9.26
CA LYS A 285 44.54 21.12 9.76
C LYS A 285 44.16 20.21 8.61
N PRO A 286 45.12 19.60 7.92
CA PRO A 286 44.78 18.66 6.83
C PRO A 286 44.12 17.39 7.32
N GLU A 287 44.28 17.02 8.59
CA GLU A 287 43.58 15.86 9.11
C GLU A 287 42.07 16.03 8.97
N LEU A 288 41.57 17.24 9.20
CA LEU A 288 40.15 17.50 9.00
C LEU A 288 39.80 17.60 7.52
N GLN A 289 40.71 18.14 6.71
CA GLN A 289 40.51 18.18 5.26
C GLN A 289 40.30 16.78 4.69
N ALA A 290 41.02 15.78 5.24
CA ALA A 290 40.88 14.43 4.73
C ALA A 290 39.57 13.81 5.19
N PHE A 291 39.12 14.11 6.41
CA PHE A 291 37.85 13.58 6.88
C PHE A 291 36.69 14.21 6.12
N ILE A 292 36.75 15.53 5.90
CA ILE A 292 35.75 16.20 5.06
C ILE A 292 35.70 15.57 3.68
N ALA A 293 36.85 15.14 3.16
CA ALA A 293 36.88 14.47 1.86
C ALA A 293 36.17 13.13 1.91
N GLU A 294 36.46 12.32 2.94
CA GLU A 294 35.79 11.04 3.10
C GLU A 294 34.28 11.18 3.19
N CYS A 295 33.79 12.28 3.77
CA CYS A 295 32.36 12.39 4.03
C CYS A 295 31.57 12.61 2.74
N LYS A 296 31.96 13.61 1.93
CA LYS A 296 31.23 13.84 0.68
C LYS A 296 31.55 12.79 -0.38
N ALA A 297 32.47 11.87 -0.09
CA ALA A 297 32.67 10.72 -0.97
C ALA A 297 31.62 9.65 -0.72
N GLY A 298 31.30 9.38 0.55
CA GLY A 298 30.33 8.36 0.92
C GLY A 298 28.91 8.61 0.42
N GLU A 302 19.87 8.78 4.73
CA GLU A 302 19.08 8.04 5.71
C GLU A 302 19.16 6.53 5.48
N ALA A 303 19.30 6.14 4.21
CA ALA A 303 19.28 4.72 3.86
C ALA A 303 20.43 3.97 4.53
N ASP A 304 21.66 4.47 4.38
CA ASP A 304 22.83 3.82 4.95
C ASP A 304 23.19 4.35 6.33
N MET A 305 22.47 5.37 6.83
CA MET A 305 22.83 5.99 8.09
C MET A 305 22.78 4.99 9.24
N ALA A 306 21.71 4.19 9.30
CA ALA A 306 21.58 3.22 10.38
C ALA A 306 22.71 2.19 10.32
N THR A 307 23.08 1.74 9.12
CA THR A 307 24.05 0.67 8.97
C THR A 307 25.50 1.14 9.09
N MET A 308 25.78 2.41 8.83
CA MET A 308 27.16 2.86 8.68
C MET A 308 27.83 3.10 10.02
N GLU A 309 29.16 3.05 10.01
CA GLU A 309 29.96 3.36 11.18
C GLU A 309 30.03 4.87 11.39
N LYS A 310 29.71 5.32 12.59
CA LYS A 310 29.69 6.74 12.90
C LYS A 310 31.08 7.20 13.32
N LYS A 311 31.64 8.17 12.58
CA LYS A 311 32.98 8.65 12.81
C LYS A 311 32.99 10.16 12.96
N GLY A 312 34.01 10.66 13.66
CA GLY A 312 34.17 12.09 13.86
C GLY A 312 35.59 12.44 14.23
N VAL A 313 35.94 13.71 14.00
CA VAL A 313 37.24 14.22 14.41
C VAL A 313 37.03 15.49 15.23
N PRO A 314 37.85 15.75 16.25
CA PRO A 314 37.74 17.02 16.99
C PRO A 314 38.17 18.21 16.15
N THR A 315 37.76 19.40 16.60
CA THR A 315 37.98 20.60 15.81
C THR A 315 38.86 21.64 16.49
N GLY A 316 39.03 21.58 17.81
CA GLY A 316 39.69 22.64 18.54
C GLY A 316 38.90 23.94 18.68
N ARG A 317 37.76 24.06 17.99
CA ARG A 317 36.84 25.17 18.15
C ARG A 317 35.78 24.85 19.19
N TYR A 318 35.16 25.89 19.74
CA TYR A 318 34.28 25.74 20.89
C TYR A 318 33.10 26.70 20.80
N VAL A 319 31.98 26.26 21.36
CA VAL A 319 30.77 27.07 21.50
C VAL A 319 30.28 26.94 22.93
N VAL A 320 29.39 27.86 23.32
CA VAL A 320 28.91 27.95 24.70
C VAL A 320 27.43 27.61 24.74
N ASN A 321 27.08 26.61 25.55
CA ASN A 321 25.69 26.28 25.83
C ASN A 321 24.99 27.49 26.45
N PRO A 322 23.90 28.00 25.86
CA PRO A 322 23.27 29.22 26.39
C PRO A 322 22.55 29.04 27.72
N LEU A 323 22.43 27.81 28.23
CA LEU A 323 21.66 27.57 29.45
C LEU A 323 22.52 27.34 30.68
N ASN A 324 23.75 26.83 30.53
CA ASN A 324 24.58 26.54 31.69
C ASN A 324 26.04 26.98 31.52
N GLY A 325 26.33 27.84 30.55
CA GLY A 325 27.68 28.35 30.38
C GLY A 325 28.69 27.43 29.71
N ASP A 326 28.51 26.11 29.84
CA ASP A 326 29.53 25.15 29.40
C ASP A 326 30.04 25.45 28.00
N LYS A 327 31.36 25.32 27.84
CA LYS A 327 31.99 25.45 26.54
C LYS A 327 32.26 24.05 26.02
N LEU A 328 31.72 23.72 24.86
CA LEU A 328 31.82 22.37 24.35
C LEU A 328 32.47 22.40 22.98
N GLU A 329 33.30 21.41 22.72
CA GLU A 329 34.01 21.35 21.46
C GLU A 329 33.07 20.93 20.35
N VAL A 330 33.33 21.46 19.17
CA VAL A 330 32.67 21.01 17.95
C VAL A 330 33.38 19.77 17.43
N TRP A 331 32.62 18.92 16.75
CA TRP A 331 33.19 17.82 16.01
C TRP A 331 32.60 17.86 14.61
N ILE A 332 33.39 17.42 13.64
CA ILE A 332 32.88 17.04 12.33
C ILE A 332 32.52 15.57 12.42
N ALA A 333 31.29 15.23 12.03
CA ALA A 333 30.82 13.86 12.11
C ALA A 333 30.16 13.46 10.80
N ASN A 334 30.41 12.21 10.38
CA ASN A 334 29.86 11.74 9.12
C ASN A 334 28.35 11.54 9.17
N TYR A 335 27.74 11.52 10.36
CA TYR A 335 26.30 11.30 10.47
C TYR A 335 25.50 12.59 10.37
N VAL A 336 26.14 13.75 10.37
CA VAL A 336 25.43 15.01 10.24
C VAL A 336 25.38 15.40 8.77
N LEU A 337 24.17 15.57 8.23
CA LEU A 337 23.95 15.81 6.81
C LEU A 337 23.73 17.30 6.56
N TRP A 338 24.34 17.80 5.48
CA TRP A 338 24.26 19.21 5.11
C TRP A 338 23.05 19.40 4.21
N GLY A 339 21.95 19.88 4.78
CA GLY A 339 20.73 20.08 4.04
C GLY A 339 19.47 19.76 4.83
N TYR A 340 19.63 18.97 5.89
CA TYR A 340 18.51 18.63 6.78
C TYR A 340 18.39 19.68 7.89
N GLY A 341 18.24 20.92 7.45
CA GLY A 341 18.11 22.03 8.40
C GLY A 341 19.45 22.68 8.66
N ASP A 342 19.81 22.80 9.93
CA ASP A 342 20.95 23.62 10.32
C ASP A 342 22.28 23.01 9.93
N GLY A 343 22.32 21.72 9.58
CA GLY A 343 23.58 21.07 9.31
C GLY A 343 24.47 20.91 10.52
N ALA A 344 23.89 20.90 11.71
CA ALA A 344 24.64 20.81 12.95
C ALA A 344 23.68 20.38 14.05
N VAL A 345 24.20 19.59 14.99
CA VAL A 345 23.38 19.00 16.04
C VAL A 345 24.13 19.10 17.36
N MET A 346 23.38 19.03 18.45
CA MET A 346 23.95 18.86 19.76
C MET A 346 24.07 17.37 20.06
N ALA A 347 24.79 17.05 21.13
CA ALA A 347 25.03 15.66 21.48
C ALA A 347 24.81 15.48 22.98
N VAL A 348 23.90 14.58 23.33
CA VAL A 348 23.58 14.24 24.72
C VAL A 348 23.79 12.74 24.89
N PRO A 349 25.00 12.29 25.19
CA PRO A 349 25.29 10.85 25.18
C PRO A 349 24.52 10.07 26.22
N ALA A 350 24.16 10.69 27.35
CA ALA A 350 23.45 9.99 28.41
C ALA A 350 22.02 9.63 28.04
N HIS A 351 21.45 10.23 26.98
CA HIS A 351 20.04 10.00 26.71
C HIS A 351 19.71 9.81 25.23
N ASP A 352 20.70 9.73 24.35
CA ASP A 352 20.50 9.39 22.94
C ASP A 352 21.49 8.28 22.56
N GLU A 353 20.96 7.20 21.99
CA GLU A 353 21.74 5.98 21.85
C GLU A 353 22.90 6.14 20.89
N ARG A 354 22.68 6.85 19.77
CA ARG A 354 23.81 7.09 18.86
C ARG A 354 24.86 7.97 19.50
N ASP A 355 24.44 9.03 20.21
CA ASP A 355 25.39 9.85 20.95
C ASP A 355 26.14 9.03 21.99
N PHE A 356 25.49 8.02 22.57
CA PHE A 356 26.18 7.15 23.51
C PHE A 356 27.27 6.35 22.81
N GLU A 357 26.93 5.72 21.67
CA GLU A 357 27.93 4.92 20.94
C GLU A 357 29.08 5.80 20.45
N PHE A 358 28.76 6.99 19.95
CA PHE A 358 29.80 7.93 19.52
C PHE A 358 30.68 8.34 20.69
N ALA A 359 30.06 8.65 21.83
CA ALA A 359 30.84 9.08 22.99
C ALA A 359 31.59 7.93 23.63
N ALA A 360 31.06 6.72 23.56
CA ALA A 360 31.80 5.58 24.09
C ALA A 360 33.01 5.27 23.22
N LYS A 361 32.90 5.50 21.91
CA LYS A 361 34.04 5.26 21.02
C LYS A 361 35.19 6.21 21.33
N TYR A 362 34.90 7.51 21.42
CA TYR A 362 35.93 8.53 21.59
C TYR A 362 36.16 8.92 23.04
N ASN A 363 35.49 8.26 23.99
CA ASN A 363 35.61 8.56 25.42
C ASN A 363 35.17 9.99 25.71
N LEU A 364 34.08 10.41 25.09
CA LEU A 364 33.49 11.70 25.32
C LEU A 364 32.59 11.67 26.56
N PRO A 365 32.46 12.80 27.27
CA PRO A 365 31.68 12.80 28.51
C PRO A 365 30.21 12.57 28.26
N LYS A 366 29.54 12.04 29.29
CA LYS A 366 28.11 11.81 29.29
C LYS A 366 27.57 12.34 30.60
N LYS A 367 26.50 13.14 30.54
CA LYS A 367 25.96 13.79 31.73
C LYS A 367 24.47 13.49 31.85
N GLN A 368 24.11 12.68 32.83
CA GLN A 368 22.72 12.47 33.24
C GLN A 368 22.01 13.78 33.47
N VAL A 369 20.90 13.99 32.76
CA VAL A 369 20.02 15.11 33.10
C VAL A 369 18.58 14.63 33.22
N ILE A 370 18.38 13.32 33.16
CA ILE A 370 17.03 12.75 33.25
C ILE A 370 17.10 11.41 33.97
N ALA A 371 16.28 11.26 35.02
CA ALA A 371 16.10 10.00 35.74
C ALA A 371 14.66 9.51 35.59
N VAL A 372 14.51 8.19 35.53
CA VAL A 372 13.20 7.55 35.41
C VAL A 372 13.01 6.67 36.64
N GLY A 373 12.20 7.13 37.58
CA GLY A 373 11.96 6.36 38.79
C GLY A 373 13.26 6.17 39.57
N ASP A 374 13.49 4.93 40.01
CA ASP A 374 14.73 4.56 40.69
C ASP A 374 15.68 3.78 39.77
N ASN A 375 15.49 3.88 38.46
CA ASN A 375 16.33 3.17 37.52
C ASN A 375 17.80 3.55 37.71
N ALA A 376 18.66 2.54 37.82
CA ALA A 376 20.08 2.77 38.03
C ALA A 376 20.74 3.20 36.74
N PHE A 377 21.46 4.33 36.78
CA PHE A 377 22.21 4.82 35.65
C PHE A 377 23.65 4.36 35.73
N ASP A 378 24.18 3.89 34.60
CA ASP A 378 25.56 3.44 34.50
C ASP A 378 26.13 3.96 33.18
N ALA A 379 27.04 4.92 33.26
CA ALA A 379 27.55 5.59 32.07
C ALA A 379 28.25 4.63 31.12
N ASN A 380 28.62 3.43 31.57
CA ASN A 380 29.39 2.48 30.78
C ASN A 380 28.52 1.47 30.05
N ARG A 381 27.19 1.60 30.13
CA ARG A 381 26.29 0.71 29.41
C ARG A 381 24.98 1.43 29.14
N TRP A 382 24.54 1.41 27.89
CA TRP A 382 23.29 2.04 27.51
C TRP A 382 22.10 1.16 27.89
N GLN A 383 21.02 1.79 28.33
CA GLN A 383 19.78 1.10 28.63
C GLN A 383 18.63 1.84 27.98
N GLU A 384 17.58 1.10 27.63
CA GLU A 384 16.48 1.66 26.84
C GLU A 384 15.87 2.88 27.52
N TRP A 385 15.83 2.90 28.85
CA TRP A 385 15.14 3.96 29.57
C TRP A 385 15.89 5.29 29.55
N TYR A 386 17.17 5.29 29.21
CA TYR A 386 17.91 6.54 29.07
C TYR A 386 17.18 7.50 28.14
N GLY A 387 16.58 6.98 27.06
CA GLY A 387 15.86 7.78 26.11
C GLY A 387 14.39 8.01 26.41
N ASP A 388 13.90 7.53 27.55
CA ASP A 388 12.49 7.63 27.94
C ASP A 388 11.99 9.07 27.94
N LYS A 389 11.06 9.37 27.04
CA LYS A 389 10.53 10.72 26.89
C LYS A 389 9.25 10.96 27.69
N GLU A 390 8.66 9.91 28.28
CA GLU A 390 7.35 10.00 28.91
C GLU A 390 7.38 9.89 30.43
N ASN A 391 8.24 9.03 30.98
CA ASN A 391 8.27 8.80 32.42
C ASN A 391 9.53 9.35 33.07
N GLY A 392 10.27 10.20 32.36
CA GLY A 392 11.44 10.83 32.93
C GLY A 392 11.14 12.17 33.56
N VAL A 393 12.03 12.57 34.45
CA VAL A 393 11.97 13.85 35.14
C VAL A 393 13.39 14.41 35.21
N LEU A 394 13.52 15.73 35.15
CA LEU A 394 14.82 16.34 34.89
C LEU A 394 15.74 16.29 36.10
N VAL A 395 17.03 16.07 35.82
CA VAL A 395 18.05 15.87 36.85
C VAL A 395 19.21 16.82 36.53
N ASN A 396 19.93 17.23 37.58
CA ASN A 396 21.05 18.18 37.47
C ASN A 396 20.73 19.30 36.48
N SER A 397 19.55 19.91 36.59
CA SER A 397 19.22 20.97 35.63
C SER A 397 18.82 22.25 36.33
N GLY A 398 19.29 22.46 37.56
CA GLY A 398 19.00 23.67 38.31
C GLY A 398 17.53 24.06 38.36
N ASP A 399 17.22 25.19 37.74
CA ASP A 399 15.86 25.72 37.70
C ASP A 399 14.86 24.74 37.09
N LEU A 400 15.32 23.71 36.39
CA LEU A 400 14.44 22.77 35.71
C LEU A 400 14.29 21.43 36.42
N ASP A 401 14.99 21.21 37.53
CA ASP A 401 14.93 19.93 38.20
C ASP A 401 13.49 19.59 38.58
N GLY A 402 13.10 18.34 38.36
CA GLY A 402 11.80 17.87 38.74
C GLY A 402 10.74 17.93 37.65
N LEU A 403 10.97 18.70 36.59
CA LEU A 403 9.98 18.83 35.54
C LEU A 403 9.93 17.56 34.68
N ASP A 404 8.81 17.37 33.99
CA ASP A 404 8.68 16.31 33.00
C ASP A 404 9.01 16.89 31.62
N PHE A 405 8.87 16.05 30.59
CA PHE A 405 9.32 16.43 29.25
C PHE A 405 8.67 17.73 28.78
N GLN A 406 7.33 17.78 28.80
CA GLN A 406 6.64 18.89 28.15
C GLN A 406 6.82 20.20 28.89
N THR A 407 6.83 20.16 30.22
CA THR A 407 7.02 21.38 30.99
C THR A 407 8.45 21.90 30.82
N ALA A 408 9.44 21.02 30.88
CA ALA A 408 10.81 21.41 30.59
C ALA A 408 10.93 21.96 29.17
N PHE A 409 10.28 21.31 28.20
CA PHE A 409 10.22 21.83 26.84
C PHE A 409 9.74 23.28 26.85
N ASP A 410 8.57 23.52 27.44
CA ASP A 410 8.01 24.87 27.46
C ASP A 410 8.89 25.82 28.28
N ALA A 411 9.56 25.31 29.30
CA ALA A 411 10.43 26.16 30.12
C ALA A 411 11.67 26.60 29.34
N VAL A 412 12.40 25.65 28.75
CA VAL A 412 13.60 26.02 28.00
C VAL A 412 13.24 26.88 26.79
N ALA A 413 12.08 26.61 26.17
CA ALA A 413 11.61 27.49 25.11
C ALA A 413 11.47 28.92 25.61
N ALA A 414 10.91 29.08 26.82
CA ALA A 414 10.74 30.42 27.39
C ALA A 414 12.08 31.04 27.76
N LYS A 415 12.99 30.24 28.30
CA LYS A 415 14.32 30.76 28.66
C LYS A 415 15.10 31.17 27.41
N LEU A 416 15.20 30.26 26.44
CA LEU A 416 15.94 30.54 25.21
C LEU A 416 15.37 31.75 24.49
N GLN A 417 14.04 31.84 24.38
CA GLN A 417 13.43 32.99 23.73
C GLN A 417 13.71 34.28 24.48
N SER A 418 13.70 34.23 25.81
CA SER A 418 13.95 35.44 26.58
C SER A 418 15.42 35.87 26.51
N GLN A 419 16.33 34.95 26.17
CA GLN A 419 17.72 35.30 25.97
C GLN A 419 18.08 35.39 24.50
N GLY A 420 17.09 35.26 23.60
CA GLY A 420 17.33 35.32 22.18
C GLY A 420 18.04 34.12 21.58
N ALA A 421 18.39 33.12 22.39
CA ALA A 421 19.21 32.01 21.95
C ALA A 421 18.38 30.80 21.44
N GLY A 422 17.14 30.99 21.04
CA GLY A 422 16.41 29.87 20.45
C GLY A 422 14.92 30.11 20.38
N GLU A 423 14.23 29.17 19.73
CA GLU A 423 12.79 29.25 19.52
C GLU A 423 12.28 27.88 19.12
N PRO A 424 11.00 27.59 19.36
CA PRO A 424 10.45 26.30 18.92
C PRO A 424 10.29 26.26 17.41
N LYS A 425 10.42 25.06 16.86
CA LYS A 425 10.31 24.86 15.42
C LYS A 425 9.83 23.45 15.12
N THR A 426 8.98 23.32 14.10
CA THR A 426 8.51 22.03 13.60
C THR A 426 9.35 21.65 12.38
N GLN A 427 9.85 20.43 12.36
CA GLN A 427 10.59 19.92 11.21
C GLN A 427 9.94 18.63 10.70
N TYR A 428 10.27 18.29 9.47
CA TYR A 428 9.77 17.09 8.82
C TYR A 428 10.92 16.38 8.12
N ARG A 429 10.95 15.05 8.24
CA ARG A 429 11.90 14.29 7.43
CA ARG A 429 11.88 14.26 7.44
C ARG A 429 11.53 14.32 5.96
N LEU A 430 10.25 14.55 5.65
CA LEU A 430 9.76 14.58 4.28
C LEU A 430 10.51 15.59 3.43
N ARG A 431 10.97 15.15 2.27
CA ARG A 431 11.59 15.99 1.27
C ARG A 431 10.62 16.24 0.13
N ASP A 432 10.95 17.23 -0.71
CA ASP A 432 10.10 17.51 -1.84
C ASP A 432 10.22 16.39 -2.88
N TRP A 433 9.19 16.27 -3.72
CA TRP A 433 9.08 15.14 -4.64
C TRP A 433 9.73 15.50 -5.97
N GLY A 434 10.92 14.94 -6.22
CA GLY A 434 11.63 15.15 -7.48
C GLY A 434 11.02 14.37 -8.65
N ILE A 435 10.65 15.08 -9.71
CA ILE A 435 9.85 14.56 -10.82
C ILE A 435 10.72 14.14 -12.00
N SER A 436 11.81 14.86 -12.21
CA SER A 436 12.58 14.70 -13.44
C SER A 436 13.20 13.31 -13.53
N ARG A 437 13.03 12.68 -14.69
CA ARG A 437 13.73 11.45 -15.03
C ARG A 437 14.45 11.70 -16.35
N GLN A 438 15.71 11.30 -16.40
CA GLN A 438 16.46 11.37 -17.65
C GLN A 438 16.36 10.03 -18.37
N ARG A 439 15.12 9.72 -18.77
CA ARG A 439 14.79 8.50 -19.50
C ARG A 439 13.75 8.82 -20.56
N TYR A 440 13.58 7.89 -21.49
CA TYR A 440 12.70 8.10 -22.64
C TYR A 440 11.25 7.79 -22.33
N TRP A 441 10.96 6.55 -21.93
CA TRP A 441 9.60 6.00 -21.96
C TRP A 441 8.84 6.46 -20.72
N GLY A 442 8.32 7.68 -20.82
CA GLY A 442 7.60 8.33 -19.74
C GLY A 442 6.99 9.62 -20.24
N CYS A 443 6.17 10.21 -19.38
CA CYS A 443 5.41 11.39 -19.79
C CYS A 443 6.34 12.59 -19.99
N PRO A 444 6.31 13.23 -21.16
CA PRO A 444 7.13 14.42 -21.36
C PRO A 444 6.70 15.54 -20.41
N ILE A 445 7.67 16.31 -19.96
CA ILE A 445 7.41 17.44 -19.07
C ILE A 445 7.05 18.65 -19.94
N PRO A 446 5.91 19.29 -19.69
CA PRO A 446 5.38 20.31 -20.62
C PRO A 446 5.97 21.69 -20.37
N ILE A 447 7.29 21.80 -20.54
CA ILE A 447 8.02 23.04 -20.35
C ILE A 447 8.85 23.32 -21.60
N VAL A 448 8.88 24.58 -22.01
CA VAL A 448 9.71 25.02 -23.12
C VAL A 448 10.75 25.99 -22.58
N HIS A 449 12.00 25.82 -23.01
CA HIS A 449 13.11 26.66 -22.59
C HIS A 449 13.41 27.69 -23.67
N CYS A 450 13.29 28.96 -23.32
CA CYS A 450 13.51 30.07 -24.23
C CYS A 450 14.57 31.00 -23.65
N GLU A 451 15.51 31.41 -24.49
CA GLU A 451 16.61 32.22 -24.01
C GLU A 451 16.17 33.59 -23.53
N LYS A 452 15.02 34.07 -24.00
CA LYS A 452 14.48 35.35 -23.53
C LYS A 452 13.52 35.16 -22.38
N CYS A 453 12.57 34.23 -22.49
CA CYS A 453 11.48 34.14 -21.55
C CYS A 453 11.75 33.20 -20.39
N GLY A 454 12.76 32.34 -20.49
CA GLY A 454 13.04 31.38 -19.45
C GLY A 454 12.38 30.04 -19.70
N ASN A 455 12.12 29.29 -18.64
CA ASN A 455 11.39 28.02 -18.76
C ASN A 455 9.90 28.31 -18.64
N VAL A 456 9.15 28.05 -19.70
CA VAL A 456 7.76 28.47 -19.79
C VAL A 456 6.87 27.25 -19.99
N PRO A 457 5.67 27.24 -19.41
CA PRO A 457 4.78 26.09 -19.55
C PRO A 457 4.04 26.09 -20.87
N VAL A 458 3.75 24.90 -21.36
CA VAL A 458 3.04 24.75 -22.64
C VAL A 458 1.57 25.10 -22.44
N PRO A 459 0.99 25.98 -23.27
CA PRO A 459 -0.41 26.37 -23.08
C PRO A 459 -1.34 25.17 -23.11
N ALA A 460 -2.49 25.31 -22.43
CA ALA A 460 -3.41 24.18 -22.26
C ALA A 460 -3.83 23.61 -23.60
N ASP A 461 -4.20 24.46 -24.56
CA ASP A 461 -4.67 23.94 -25.83
C ASP A 461 -3.55 23.38 -26.71
N GLN A 462 -2.29 23.49 -26.29
CA GLN A 462 -1.19 22.79 -26.96
C GLN A 462 -0.84 21.48 -26.29
N LEU A 463 -1.63 21.05 -25.30
CA LEU A 463 -1.39 19.77 -24.65
C LEU A 463 -2.20 18.67 -25.33
N PRO A 464 -1.64 17.46 -25.50
CA PRO A 464 -0.37 17.01 -24.92
C PRO A 464 0.87 17.35 -25.73
N VAL A 465 2.00 17.50 -25.03
CA VAL A 465 3.30 17.27 -25.65
C VAL A 465 3.43 15.78 -25.89
N VAL A 466 3.42 15.36 -27.15
CA VAL A 466 3.32 13.95 -27.49
C VAL A 466 4.72 13.33 -27.46
N LEU A 467 4.84 12.21 -26.76
CA LEU A 467 6.06 11.43 -26.80
C LEU A 467 6.16 10.68 -28.12
N PRO A 468 7.23 10.84 -28.88
CA PRO A 468 7.41 10.03 -30.09
C PRO A 468 7.55 8.55 -29.73
N GLU A 469 6.65 7.74 -30.28
CA GLU A 469 6.66 6.31 -30.03
C GLU A 469 7.56 5.55 -30.99
N ASN A 470 8.02 6.21 -32.06
CA ASN A 470 8.91 5.60 -33.05
C ASN A 470 10.36 5.83 -32.60
N VAL A 471 10.73 5.15 -31.51
CA VAL A 471 12.00 5.35 -30.83
C VAL A 471 12.43 4.02 -30.22
N VAL A 472 13.67 3.62 -30.47
CA VAL A 472 14.28 2.46 -29.83
C VAL A 472 15.47 2.94 -29.01
N PRO A 473 15.33 3.07 -27.70
CA PRO A 473 16.45 3.57 -26.88
C PRO A 473 17.54 2.53 -26.70
N ASP A 474 18.76 3.03 -26.45
CA ASP A 474 19.94 2.17 -26.37
C ASP A 474 20.78 2.46 -25.14
N GLY A 475 20.16 2.96 -24.07
CA GLY A 475 20.85 3.13 -22.81
C GLY A 475 22.01 4.11 -22.79
N MET A 476 22.24 4.81 -23.91
CA MET A 476 23.29 5.81 -23.98
C MET A 476 22.70 7.22 -23.95
N GLY A 477 22.08 7.59 -22.83
CA GLY A 477 21.35 8.83 -22.73
C GLY A 477 19.96 8.74 -23.33
N SER A 478 19.08 9.63 -22.87
CA SER A 478 17.72 9.64 -23.38
C SER A 478 17.73 10.02 -24.85
N PRO A 479 17.05 9.26 -25.71
CA PRO A 479 16.98 9.64 -27.13
C PRO A 479 16.29 10.98 -27.39
N LEU A 480 15.48 11.46 -26.45
CA LEU A 480 14.80 12.74 -26.64
C LEU A 480 15.79 13.89 -26.74
N ALA A 481 16.89 13.82 -26.00
CA ALA A 481 17.88 14.89 -26.06
C ALA A 481 18.72 14.84 -27.32
N LYS A 482 18.64 13.76 -28.09
CA LYS A 482 19.29 13.69 -29.39
C LYS A 482 18.31 13.81 -30.55
N MET A 483 17.05 14.20 -30.28
CA MET A 483 16.01 14.26 -31.30
C MET A 483 15.58 15.71 -31.50
N PRO A 484 16.27 16.47 -32.36
CA PRO A 484 15.85 17.87 -32.57
C PRO A 484 14.44 18.00 -33.12
N GLU A 485 13.98 17.03 -33.92
CA GLU A 485 12.60 17.08 -34.36
C GLU A 485 11.62 17.01 -33.20
N PHE A 486 12.08 16.58 -32.03
CA PHE A 486 11.23 16.67 -30.85
C PHE A 486 11.49 17.95 -30.05
N TYR A 487 12.74 18.25 -29.74
CA TYR A 487 12.98 19.33 -28.78
C TYR A 487 12.98 20.72 -29.42
N GLU A 488 13.24 20.83 -30.71
CA GLU A 488 13.17 22.13 -31.37
C GLU A 488 11.72 22.55 -31.57
N THR A 489 11.38 23.73 -31.06
CA THR A 489 10.01 24.24 -31.13
C THR A 489 10.08 25.77 -31.12
N SER A 490 8.93 26.40 -30.92
CA SER A 490 8.89 27.85 -30.79
C SER A 490 8.43 28.20 -29.38
N CYS A 491 8.77 29.41 -28.96
CA CYS A 491 8.38 29.83 -27.63
C CYS A 491 6.91 30.24 -27.62
N PRO A 492 6.10 29.71 -26.70
CA PRO A 492 4.69 30.12 -26.67
C PRO A 492 4.49 31.54 -26.18
N CYS A 493 5.49 32.13 -25.52
CA CYS A 493 5.40 33.49 -25.00
C CYS A 493 5.81 34.53 -26.04
N CYS A 494 6.96 34.37 -26.67
CA CYS A 494 7.45 35.38 -27.61
C CYS A 494 7.49 34.91 -29.07
N GLY A 495 7.40 33.60 -29.31
CA GLY A 495 7.42 33.07 -30.66
C GLY A 495 8.79 32.78 -31.24
N GLY A 496 9.86 33.06 -30.49
CA GLY A 496 11.20 32.78 -30.97
C GLY A 496 11.51 31.30 -30.92
N ALA A 497 12.71 30.96 -31.39
CA ALA A 497 13.16 29.59 -31.34
C ALA A 497 13.45 29.18 -29.90
N ALA A 498 13.15 27.94 -29.56
CA ALA A 498 13.26 27.46 -28.19
C ALA A 498 13.32 25.93 -28.20
N LYS A 499 13.52 25.35 -27.00
CA LYS A 499 13.74 23.90 -26.88
C LYS A 499 12.85 23.30 -25.80
N ARG A 500 12.25 22.15 -26.11
CA ARG A 500 11.45 21.44 -25.13
C ARG A 500 12.34 20.79 -24.08
N GLU A 501 11.87 20.80 -22.84
CA GLU A 501 12.42 19.91 -21.83
C GLU A 501 12.42 18.49 -22.37
N THR A 502 13.52 17.78 -22.13
CA THR A 502 13.65 16.41 -22.61
C THR A 502 13.59 15.37 -21.51
N ASP A 503 13.70 15.77 -20.25
CA ASP A 503 13.42 14.86 -19.15
C ASP A 503 11.93 14.50 -19.13
N THR A 504 11.64 13.31 -18.62
CA THR A 504 10.27 12.83 -18.48
C THR A 504 9.91 12.69 -17.01
N MET A 505 8.62 12.45 -16.74
CA MET A 505 8.12 12.45 -15.38
C MET A 505 8.32 11.12 -14.68
N ASP A 506 8.56 11.18 -13.38
CA ASP A 506 8.44 10.03 -12.50
C ASP A 506 7.14 9.29 -12.77
N THR A 507 7.23 7.99 -13.12
CA THR A 507 6.01 7.28 -13.50
C THR A 507 5.06 7.04 -12.32
N PHE A 508 5.48 7.38 -11.09
CA PHE A 508 4.52 7.45 -9.99
C PHE A 508 3.44 8.48 -10.26
N ILE A 509 3.71 9.48 -11.12
CA ILE A 509 2.69 10.48 -11.43
C ILE A 509 1.44 9.81 -12.00
N GLU A 510 1.61 8.90 -12.97
CA GLU A 510 0.44 8.28 -13.60
C GLU A 510 -0.42 7.54 -12.58
N SER A 511 0.20 6.83 -11.65
CA SER A 511 -0.54 6.05 -10.68
C SER A 511 -1.03 6.88 -9.51
N SER A 512 -0.80 8.19 -9.55
CA SER A 512 -1.26 9.06 -8.47
C SER A 512 -2.64 9.65 -8.72
N TRP A 513 -3.22 9.45 -9.91
CA TRP A 513 -4.55 9.99 -10.18
C TRP A 513 -5.39 9.07 -11.06
N TYR A 514 -4.93 7.86 -11.39
CA TYR A 514 -5.66 7.01 -12.31
C TYR A 514 -7.02 6.60 -11.76
N PHE A 515 -7.16 6.52 -10.45
CA PHE A 515 -8.45 6.17 -9.85
C PHE A 515 -9.51 7.21 -10.14
N PHE A 516 -9.11 8.46 -10.39
CA PHE A 516 -10.05 9.49 -10.80
C PHE A 516 -10.36 9.41 -12.30
N ARG A 517 -9.35 9.09 -13.12
CA ARG A 517 -9.58 8.96 -14.56
C ARG A 517 -10.60 7.87 -14.85
N TYR A 518 -10.55 6.78 -14.09
CA TYR A 518 -11.49 5.67 -14.25
C TYR A 518 -12.95 6.12 -14.20
N MET A 519 -13.24 7.25 -13.53
CA MET A 519 -14.62 7.71 -13.40
C MET A 519 -15.16 8.27 -14.70
N SER A 520 -14.28 8.78 -15.57
CA SER A 520 -14.65 9.36 -16.86
C SER A 520 -13.42 9.30 -17.76
N PRO A 521 -13.04 8.11 -18.23
CA PRO A 521 -11.77 7.96 -18.93
C PRO A 521 -11.77 8.42 -20.38
N LYS A 522 -12.89 9.00 -20.85
CA LYS A 522 -12.95 9.61 -22.17
C LYS A 522 -13.37 11.07 -22.09
N PHE A 523 -13.45 11.62 -20.88
CA PHE A 523 -13.60 13.07 -20.73
C PHE A 523 -12.44 13.78 -21.42
N SER A 524 -12.76 14.82 -22.19
CA SER A 524 -11.79 15.52 -23.01
C SER A 524 -11.57 16.95 -22.58
N ASP A 525 -12.25 17.41 -21.54
CA ASP A 525 -12.12 18.78 -21.05
C ASP A 525 -11.50 18.87 -19.67
N GLY A 526 -10.90 17.79 -19.17
CA GLY A 526 -10.29 17.84 -17.86
C GLY A 526 -9.83 16.48 -17.40
N MET A 527 -9.18 16.49 -16.23
CA MET A 527 -8.71 15.24 -15.63
C MET A 527 -9.86 14.30 -15.37
N VAL A 528 -10.99 14.82 -14.90
CA VAL A 528 -12.14 14.01 -14.55
C VAL A 528 -13.37 14.92 -14.61
N SER A 529 -14.42 14.46 -15.26
CA SER A 529 -15.62 15.27 -15.37
C SER A 529 -16.20 15.52 -13.98
N ALA A 530 -16.81 16.70 -13.82
CA ALA A 530 -17.49 17.02 -12.57
C ALA A 530 -18.57 16.00 -12.24
N GLU A 531 -19.41 15.68 -13.23
CA GLU A 531 -20.54 14.79 -12.97
C GLU A 531 -20.07 13.45 -12.44
N SER A 532 -18.98 12.91 -13.00
CA SER A 532 -18.50 11.61 -12.56
C SER A 532 -17.83 11.68 -11.20
N ALA A 533 -17.01 12.70 -10.96
CA ALA A 533 -16.37 12.85 -9.66
C ALA A 533 -17.41 12.95 -8.55
N LYS A 534 -18.48 13.69 -8.81
CA LYS A 534 -19.54 13.83 -7.81
C LYS A 534 -20.21 12.49 -7.54
N TYR A 535 -20.49 11.70 -8.58
CA TYR A 535 -21.22 10.46 -8.38
C TYR A 535 -20.36 9.41 -7.66
N TRP A 536 -19.14 9.18 -8.15
CA TRP A 536 -18.32 8.09 -7.60
C TRP A 536 -17.59 8.47 -6.32
N GLY A 537 -17.35 9.75 -6.06
CA GLY A 537 -16.72 10.17 -4.82
C GLY A 537 -15.31 9.65 -4.64
N ALA A 538 -15.11 8.75 -3.69
CA ALA A 538 -13.80 8.16 -3.44
C ALA A 538 -13.86 6.65 -3.60
N VAL A 539 -12.69 6.05 -3.74
CA VAL A 539 -12.58 4.60 -3.83
C VAL A 539 -13.02 3.99 -2.50
N ASP A 540 -14.09 3.19 -2.54
CA ASP A 540 -14.58 2.54 -1.32
C ASP A 540 -13.63 1.46 -0.83
N GLN A 541 -12.94 0.76 -1.74
CA GLN A 541 -12.08 -0.36 -1.40
C GLN A 541 -10.91 -0.45 -2.37
N TYR A 542 -9.70 -0.47 -1.82
CA TYR A 542 -8.44 -0.56 -2.56
C TYR A 542 -7.71 -1.83 -2.11
N ILE A 543 -7.11 -2.54 -3.06
CA ILE A 543 -6.44 -3.82 -2.81
C ILE A 543 -5.11 -3.82 -3.56
N GLY A 544 -4.02 -3.97 -2.83
CA GLY A 544 -2.71 -3.94 -3.47
C GLY A 544 -1.64 -4.31 -2.46
N GLY A 545 -0.44 -4.56 -2.99
CA GLY A 545 0.65 -5.06 -2.18
C GLY A 545 1.27 -3.99 -1.28
N ILE A 546 1.87 -4.47 -0.18
CA ILE A 546 2.44 -3.61 0.86
C ILE A 546 3.66 -2.83 0.37
N GLU A 547 4.27 -3.24 -0.74
CA GLU A 547 5.40 -2.50 -1.30
C GLU A 547 5.01 -1.10 -1.73
N HIS A 548 3.71 -0.83 -1.91
CA HIS A 548 3.26 0.50 -2.28
C HIS A 548 2.63 1.26 -1.10
N ALA A 549 2.85 0.77 0.12
CA ALA A 549 2.19 1.37 1.28
C ALA A 549 2.70 2.76 1.60
N ILE A 550 3.89 3.14 1.13
CA ILE A 550 4.47 4.43 1.50
C ILE A 550 4.38 5.43 0.35
N LEU A 551 5.24 5.27 -0.66
CA LEU A 551 5.37 6.27 -1.72
C LEU A 551 4.08 6.40 -2.52
N HIS A 552 3.64 5.31 -3.16
CA HIS A 552 2.45 5.37 -4.00
C HIS A 552 1.25 5.94 -3.22
N LEU A 553 0.99 5.41 -2.03
CA LEU A 553 -0.19 5.85 -1.30
C LEU A 553 -0.06 7.32 -0.90
N LEU A 554 1.13 7.75 -0.48
CA LEU A 554 1.33 9.15 -0.12
C LEU A 554 1.17 10.06 -1.34
N TYR A 555 1.77 9.68 -2.47
CA TYR A 555 1.62 10.43 -3.72
C TYR A 555 0.16 10.53 -4.14
N ALA A 556 -0.58 9.42 -4.01
CA ALA A 556 -1.98 9.40 -4.42
C ALA A 556 -2.83 10.31 -3.52
N ARG A 557 -2.60 10.27 -2.21
CA ARG A 557 -3.30 11.16 -1.30
C ARG A 557 -2.91 12.62 -1.56
N PHE A 558 -1.64 12.84 -1.91
CA PHE A 558 -1.18 14.20 -2.23
C PHE A 558 -1.90 14.73 -3.48
N PHE A 559 -1.95 13.92 -4.53
CA PHE A 559 -2.60 14.35 -5.76
C PHE A 559 -4.08 14.59 -5.54
N THR A 560 -4.71 13.76 -4.70
CA THR A 560 -6.12 13.97 -4.37
C THR A 560 -6.32 15.37 -3.77
N LYS A 561 -5.45 15.76 -2.84
CA LYS A 561 -5.60 17.06 -2.21
C LYS A 561 -5.29 18.19 -3.20
N LEU A 562 -4.32 17.99 -4.08
CA LEU A 562 -4.05 19.00 -5.10
C LEU A 562 -5.22 19.14 -6.05
N MET A 563 -5.82 18.02 -6.45
CA MET A 563 -6.93 18.08 -7.40
C MET A 563 -8.16 18.69 -6.77
N ARG A 564 -8.40 18.38 -5.48
CA ARG A 564 -9.48 19.02 -4.76
C ARG A 564 -9.28 20.53 -4.71
N ASP A 565 -8.07 20.97 -4.34
CA ASP A 565 -7.78 22.40 -4.29
C ASP A 565 -7.91 23.07 -5.65
N GLU A 566 -7.82 22.30 -6.74
CA GLU A 566 -8.11 22.81 -8.07
C GLU A 566 -9.59 22.77 -8.42
N GLY A 567 -10.45 22.29 -7.51
CA GLY A 567 -11.86 22.21 -7.80
C GLY A 567 -12.28 21.07 -8.70
N LEU A 568 -11.42 20.06 -8.87
CA LEU A 568 -11.73 18.94 -9.75
C LEU A 568 -12.47 17.81 -9.05
N VAL A 569 -12.23 17.62 -7.75
CA VAL A 569 -12.88 16.58 -6.95
C VAL A 569 -13.24 17.21 -5.61
N ASN A 570 -14.09 16.51 -4.85
CA ASN A 570 -14.57 17.06 -3.59
C ASN A 570 -14.40 16.07 -2.45
N VAL A 571 -13.41 15.20 -2.54
CA VAL A 571 -13.02 14.34 -1.44
C VAL A 571 -11.61 14.74 -0.99
N ASP A 572 -11.32 14.48 0.29
CA ASP A 572 -10.00 14.72 0.86
C ASP A 572 -9.09 13.51 0.73
N GLU A 573 -9.66 12.30 0.71
CA GLU A 573 -8.87 11.07 0.74
C GLU A 573 -9.32 10.16 -0.39
N PRO A 574 -8.40 9.55 -1.12
CA PRO A 574 -8.82 8.74 -2.29
C PRO A 574 -9.37 7.37 -1.92
N PHE A 575 -8.81 6.70 -0.91
CA PHE A 575 -9.14 5.32 -0.61
C PHE A 575 -9.72 5.19 0.79
N GLU A 576 -10.95 4.69 0.89
CA GLU A 576 -11.59 4.50 2.17
C GLU A 576 -11.06 3.25 2.88
N ARG A 577 -11.19 2.10 2.25
CA ARG A 577 -10.70 0.84 2.81
C ARG A 577 -9.47 0.38 2.04
N LEU A 578 -8.59 -0.33 2.75
CA LEU A 578 -7.33 -0.77 2.18
C LEU A 578 -7.08 -2.21 2.60
N LEU A 579 -6.88 -3.09 1.63
CA LEU A 579 -6.56 -4.49 1.86
C LEU A 579 -5.20 -4.81 1.24
N THR A 580 -4.34 -5.47 2.01
CA THR A 580 -2.98 -5.84 1.59
C THR A 580 -2.92 -7.36 1.40
N GLN A 581 -3.00 -7.82 0.16
CA GLN A 581 -2.89 -9.25 -0.11
C GLN A 581 -1.47 -9.72 0.14
N GLY A 582 -1.33 -10.94 0.65
CA GLY A 582 -0.02 -11.52 0.87
C GLY A 582 0.59 -12.04 -0.41
N MET A 583 1.90 -12.33 -0.36
CA MET A 583 2.57 -12.83 -1.54
C MET A 583 2.14 -14.26 -1.84
N VAL A 584 2.50 -14.70 -3.03
CA VAL A 584 2.40 -16.10 -3.42
C VAL A 584 3.82 -16.63 -3.50
N VAL A 585 4.07 -17.73 -2.79
CA VAL A 585 5.39 -18.34 -2.76
C VAL A 585 5.34 -19.69 -3.45
N CYS A 586 6.51 -20.19 -3.82
CA CYS A 586 6.60 -21.44 -4.54
C CYS A 586 7.99 -22.02 -4.38
N GLU A 587 8.06 -23.36 -4.37
CA GLU A 587 9.31 -24.09 -4.41
C GLU A 587 10.19 -23.63 -5.58
N THR A 588 11.50 -23.88 -5.47
CA THR A 588 12.44 -23.57 -6.53
C THR A 588 13.20 -24.84 -6.93
N TYR A 589 13.80 -24.79 -8.12
CA TYR A 589 14.45 -25.96 -8.69
C TYR A 589 15.67 -25.52 -9.49
N TYR A 590 16.74 -26.34 -9.43
CA TYR A 590 17.95 -26.06 -10.21
C TYR A 590 18.86 -27.27 -10.40
N ASP A 599 20.56 -22.44 -15.03
CA ASP A 599 20.63 -22.37 -13.58
C ASP A 599 19.34 -22.87 -12.92
N TRP A 600 18.36 -21.96 -12.77
CA TRP A 600 17.11 -22.26 -12.10
C TRP A 600 16.01 -22.59 -13.10
N ILE A 601 15.23 -23.62 -12.79
CA ILE A 601 14.19 -24.12 -13.69
C ILE A 601 12.82 -23.71 -13.16
N ASN A 602 11.91 -23.39 -14.09
CA ASN A 602 10.54 -23.10 -13.71
C ASN A 602 9.83 -24.38 -13.28
N PRO A 603 8.98 -24.31 -12.26
CA PRO A 603 8.37 -25.55 -11.72
C PRO A 603 7.51 -26.32 -12.71
N ALA A 604 6.93 -25.66 -13.71
CA ALA A 604 6.10 -26.35 -14.68
C ALA A 604 6.90 -27.17 -15.69
N ASP A 605 8.20 -27.38 -15.45
CA ASP A 605 9.09 -28.03 -16.40
C ASP A 605 10.10 -28.93 -15.69
N VAL A 606 9.68 -29.63 -14.63
CA VAL A 606 10.63 -30.31 -13.76
C VAL A 606 10.27 -31.78 -13.57
N GLU A 607 11.29 -32.57 -13.23
CA GLU A 607 11.16 -34.00 -12.91
C GLU A 607 10.72 -34.14 -11.46
N LEU A 608 9.40 -34.06 -11.25
CA LEU A 608 8.82 -33.99 -9.91
C LEU A 608 8.86 -35.36 -9.25
N THR A 609 9.75 -35.53 -8.28
CA THR A 609 9.89 -36.80 -7.56
C THR A 609 8.77 -36.98 -6.54
N ASP A 624 14.68 -33.18 -17.72
CA ASP A 624 15.02 -33.89 -18.95
C ASP A 624 16.13 -34.92 -18.71
N GLY A 625 15.73 -36.12 -18.29
CA GLY A 625 16.67 -37.17 -18.00
C GLY A 625 17.08 -37.23 -16.54
N LEU A 626 18.22 -36.63 -16.21
CA LEU A 626 18.67 -36.57 -14.83
C LEU A 626 17.92 -35.47 -14.09
N PRO A 627 17.32 -35.77 -12.93
CA PRO A 627 16.47 -34.78 -12.27
C PRO A 627 17.25 -33.57 -11.77
N VAL A 628 16.53 -32.61 -11.20
CA VAL A 628 17.15 -31.41 -10.66
C VAL A 628 17.11 -31.45 -9.15
N VAL A 629 17.59 -30.39 -8.50
CA VAL A 629 17.60 -30.28 -7.05
C VAL A 629 16.37 -29.51 -6.63
N ILE A 630 15.56 -30.11 -5.76
CA ILE A 630 14.41 -29.43 -5.17
C ILE A 630 14.96 -28.49 -4.10
N SER A 631 14.91 -27.18 -4.37
CA SER A 631 15.47 -26.18 -3.47
C SER A 631 14.40 -25.56 -2.59
N GLY A 632 14.60 -24.30 -2.18
CA GLY A 632 13.76 -23.69 -1.17
C GLY A 632 12.56 -22.93 -1.74
N THR A 633 11.64 -22.59 -0.85
CA THR A 633 10.40 -21.93 -1.21
C THR A 633 10.51 -20.43 -0.98
N GLU A 634 10.05 -19.64 -1.95
CA GLU A 634 10.16 -18.20 -1.86
C GLU A 634 9.14 -17.58 -2.80
N LYS A 635 8.94 -16.26 -2.62
CA LYS A 635 8.01 -15.50 -3.42
C LYS A 635 8.28 -15.69 -4.91
N MET A 636 7.22 -15.99 -5.66
CA MET A 636 7.33 -16.14 -7.10
C MET A 636 7.94 -14.91 -7.74
N SER A 637 8.96 -15.12 -8.56
CA SER A 637 9.70 -14.03 -9.17
C SER A 637 10.49 -14.58 -10.35
N LYS A 638 11.10 -13.68 -11.11
CA LYS A 638 12.03 -14.08 -12.15
C LYS A 638 13.40 -14.46 -11.58
N SER A 639 13.70 -14.00 -10.37
CA SER A 639 15.04 -14.18 -9.81
C SER A 639 15.43 -15.64 -9.75
N LYS A 640 14.57 -16.48 -9.16
CA LYS A 640 14.83 -17.90 -9.04
C LYS A 640 13.96 -18.73 -9.98
N ASN A 641 13.28 -18.09 -10.95
CA ASN A 641 12.49 -18.76 -11.97
C ASN A 641 11.52 -19.77 -11.33
N ASN A 642 10.56 -19.20 -10.61
CA ASN A 642 9.64 -20.04 -9.83
C ASN A 642 8.21 -19.53 -9.85
N GLY A 643 7.89 -18.54 -10.68
CA GLY A 643 6.51 -18.11 -10.83
C GLY A 643 5.75 -18.96 -11.83
N VAL A 644 4.68 -19.61 -11.40
CA VAL A 644 3.90 -20.44 -12.30
C VAL A 644 2.99 -19.56 -13.16
N ASP A 645 2.96 -19.86 -14.44
CA ASP A 645 2.11 -19.13 -15.37
C ASP A 645 0.66 -19.47 -15.07
N PRO A 646 -0.17 -18.50 -14.72
CA PRO A 646 -1.60 -18.81 -14.50
C PRO A 646 -2.29 -19.32 -15.75
N GLN A 647 -1.67 -19.13 -16.93
CA GLN A 647 -2.23 -19.69 -18.15
C GLN A 647 -2.14 -21.22 -18.14
N GLU A 648 -1.00 -21.78 -17.70
CA GLU A 648 -0.89 -23.23 -17.59
C GLU A 648 -1.90 -23.77 -16.58
N LEU A 649 -2.22 -22.97 -15.57
CA LEU A 649 -3.18 -23.37 -14.56
C LEU A 649 -4.62 -23.28 -15.08
N ILE A 650 -4.93 -22.22 -15.84
CA ILE A 650 -6.25 -22.10 -16.45
C ILE A 650 -6.45 -23.19 -17.49
N ASN A 651 -5.47 -23.36 -18.40
CA ASN A 651 -5.54 -24.40 -19.43
C ASN A 651 -5.80 -25.78 -18.82
N ALA A 652 -5.16 -26.06 -17.68
CA ALA A 652 -5.24 -27.39 -17.09
C ALA A 652 -6.45 -27.59 -16.20
N TYR A 653 -6.96 -26.54 -15.55
CA TYR A 653 -8.11 -26.72 -14.66
C TYR A 653 -9.20 -25.67 -14.80
N GLY A 654 -8.98 -24.55 -15.48
CA GLY A 654 -10.03 -23.55 -15.60
C GLY A 654 -9.88 -22.44 -14.58
N ALA A 655 -10.53 -21.31 -14.88
CA ALA A 655 -10.44 -20.13 -14.02
C ALA A 655 -10.99 -20.40 -12.62
N ASP A 656 -12.11 -21.11 -12.53
CA ASP A 656 -12.76 -21.29 -11.23
C ASP A 656 -11.89 -22.09 -10.27
N THR A 657 -11.17 -23.09 -10.78
CA THR A 657 -10.22 -23.81 -9.91
C THR A 657 -9.08 -22.90 -9.45
N ALA A 658 -8.62 -22.01 -10.33
CA ALA A 658 -7.57 -21.07 -9.95
C ALA A 658 -8.07 -20.14 -8.85
N ARG A 659 -9.24 -19.53 -9.06
CA ARG A 659 -9.76 -18.56 -8.10
C ARG A 659 -10.07 -19.23 -6.76
N LEU A 660 -10.64 -20.43 -6.80
CA LEU A 660 -10.99 -21.16 -5.58
C LEU A 660 -9.75 -21.51 -4.77
N PHE A 661 -8.72 -22.03 -5.44
CA PHE A 661 -7.50 -22.44 -4.74
C PHE A 661 -6.89 -21.28 -3.97
N MET A 662 -6.81 -20.12 -4.61
CA MET A 662 -6.15 -18.98 -3.98
C MET A 662 -6.99 -18.36 -2.87
N MET A 663 -8.32 -18.39 -2.99
CA MET A 663 -9.14 -17.84 -1.91
C MET A 663 -9.26 -18.81 -0.74
N PHE A 664 -9.01 -20.10 -0.95
CA PHE A 664 -9.20 -21.11 0.07
C PHE A 664 -7.94 -21.42 0.87
N ALA A 665 -6.77 -21.33 0.24
CA ALA A 665 -5.55 -21.80 0.87
C ALA A 665 -5.21 -21.02 2.13
N ALA A 666 -5.39 -19.70 2.12
CA ALA A 666 -4.97 -18.89 3.25
C ALA A 666 -5.82 -17.64 3.31
N PRO A 667 -5.92 -17.01 4.49
CA PRO A 667 -6.42 -15.64 4.56
C PRO A 667 -5.73 -14.76 3.54
N PRO A 668 -6.43 -13.76 2.98
CA PRO A 668 -5.84 -12.95 1.91
C PRO A 668 -4.56 -12.24 2.30
N GLU A 669 -4.36 -11.91 3.59
CA GLU A 669 -3.14 -11.22 3.99
C GLU A 669 -1.96 -12.17 4.12
N GLN A 670 -2.21 -13.44 4.42
CA GLN A 670 -1.15 -14.41 4.65
C GLN A 670 -0.48 -14.77 3.33
N SER A 671 0.80 -15.17 3.41
CA SER A 671 1.47 -15.73 2.25
C SER A 671 0.77 -16.99 1.77
N LEU A 672 0.72 -17.17 0.45
CA LEU A 672 0.06 -18.32 -0.17
C LEU A 672 1.12 -19.24 -0.76
N GLU A 673 1.15 -20.49 -0.30
CA GLU A 673 2.09 -21.47 -0.81
C GLU A 673 1.49 -22.17 -2.02
N TRP A 674 2.20 -22.15 -3.14
CA TRP A 674 1.75 -22.91 -4.30
C TRP A 674 1.74 -24.40 -3.97
N SER A 675 0.65 -25.08 -4.34
CA SER A 675 0.48 -26.47 -3.98
C SER A 675 -0.30 -27.20 -5.06
N ASP A 676 0.33 -28.20 -5.68
CA ASP A 676 -0.35 -29.01 -6.68
C ASP A 676 -1.57 -29.70 -6.09
N SER A 677 -1.40 -30.34 -4.92
CA SER A 677 -2.53 -31.00 -4.27
C SER A 677 -3.64 -30.01 -3.92
N GLY A 678 -3.27 -28.76 -3.58
CA GLY A 678 -4.29 -27.76 -3.33
C GLY A 678 -5.10 -27.41 -4.56
N VAL A 679 -4.42 -27.32 -5.71
CA VAL A 679 -5.12 -27.08 -6.97
C VAL A 679 -6.06 -28.25 -7.28
N GLU A 680 -5.56 -29.48 -7.13
CA GLU A 680 -6.40 -30.64 -7.35
C GLU A 680 -7.61 -30.62 -6.40
N GLY A 681 -7.40 -30.27 -5.14
CA GLY A 681 -8.49 -30.28 -4.18
C GLY A 681 -9.55 -29.25 -4.51
N ALA A 682 -9.15 -28.07 -4.99
CA ALA A 682 -10.13 -27.09 -5.42
C ALA A 682 -10.96 -27.61 -6.58
N HIS A 683 -10.31 -28.30 -7.52
CA HIS A 683 -11.03 -28.84 -8.67
C HIS A 683 -12.03 -29.90 -8.24
N ARG A 684 -11.59 -30.86 -7.43
CA ARG A 684 -12.51 -31.91 -6.98
C ARG A 684 -13.68 -31.32 -6.22
N PHE A 685 -13.46 -30.25 -5.47
CA PHE A 685 -14.60 -29.63 -4.79
C PHE A 685 -15.59 -29.05 -5.78
N LEU A 686 -15.10 -28.51 -6.89
CA LEU A 686 -16.02 -27.98 -7.89
C LEU A 686 -16.75 -29.10 -8.63
N ARG A 687 -16.07 -30.23 -8.85
CA ARG A 687 -16.76 -31.42 -9.36
C ARG A 687 -17.86 -31.84 -8.40
N ARG A 688 -17.60 -31.78 -7.09
CA ARG A 688 -18.57 -32.16 -6.07
C ARG A 688 -19.78 -31.22 -6.10
N LEU A 689 -19.53 -29.91 -6.13
CA LEU A 689 -20.62 -28.96 -6.27
C LEU A 689 -21.45 -29.28 -7.51
N TRP A 690 -20.79 -29.46 -8.64
CA TRP A 690 -21.48 -29.88 -9.85
C TRP A 690 -22.28 -31.16 -9.61
N ARG A 691 -21.64 -32.18 -9.05
CA ARG A 691 -22.29 -33.47 -8.84
C ARG A 691 -23.47 -33.34 -7.90
N THR A 692 -23.36 -32.49 -6.89
CA THR A 692 -24.44 -32.34 -5.92
C THR A 692 -25.70 -31.76 -6.55
N VAL A 693 -25.53 -30.79 -7.45
CA VAL A 693 -26.69 -30.19 -8.10
C VAL A 693 -27.30 -31.15 -9.12
N TYR A 694 -26.46 -31.84 -9.88
CA TYR A 694 -26.95 -32.78 -10.88
C TYR A 694 -27.77 -33.89 -10.22
N GLU A 695 -27.20 -34.53 -9.20
CA GLU A 695 -27.92 -35.60 -8.52
C GLU A 695 -29.21 -35.11 -7.88
N TYR A 696 -29.28 -33.82 -7.55
CA TYR A 696 -30.51 -33.27 -7.00
C TYR A 696 -31.57 -33.10 -8.09
N LEU A 697 -31.18 -32.58 -9.25
CA LEU A 697 -32.11 -32.43 -10.36
C LEU A 697 -32.38 -33.75 -11.06
N LYS A 698 -31.48 -34.73 -10.94
CA LYS A 698 -31.75 -36.05 -11.46
C LYS A 698 -32.87 -36.73 -10.68
N GLN A 699 -33.01 -36.42 -9.39
CA GLN A 699 -33.97 -37.07 -8.51
C GLN A 699 -35.34 -36.40 -8.51
N GLY A 700 -35.66 -35.60 -9.53
CA GLY A 700 -37.00 -35.05 -9.63
C GLY A 700 -37.14 -33.61 -10.11
N GLY A 701 -36.07 -33.00 -10.59
CA GLY A 701 -36.17 -31.66 -11.14
C GLY A 701 -36.37 -30.57 -10.11
N ALA A 702 -36.36 -29.31 -10.55
CA ALA A 702 -36.41 -28.19 -9.63
C ALA A 702 -37.82 -28.00 -9.08
N VAL A 703 -37.89 -27.55 -7.82
CA VAL A 703 -39.14 -27.15 -7.17
C VAL A 703 -38.96 -25.75 -6.60
N LYS A 704 -40.03 -25.24 -6.02
CA LYS A 704 -39.97 -23.95 -5.34
C LYS A 704 -39.17 -24.10 -4.05
N ALA A 705 -38.22 -23.20 -3.82
CA ALA A 705 -37.39 -23.31 -2.64
C ALA A 705 -38.22 -23.05 -1.39
N PHE A 706 -37.90 -23.77 -0.32
CA PHE A 706 -38.63 -23.59 0.93
C PHE A 706 -38.55 -22.13 1.38
N ALA A 707 -39.68 -21.62 1.85
CA ALA A 707 -39.77 -20.27 2.38
C ALA A 707 -40.93 -20.20 3.36
N GLY A 708 -40.84 -19.28 4.30
CA GLY A 708 -41.91 -19.06 5.26
C GLY A 708 -41.74 -19.84 6.55
N ASN A 709 -42.86 -19.93 7.29
CA ASN A 709 -42.86 -20.61 8.57
C ASN A 709 -42.45 -22.06 8.43
N GLN A 710 -41.64 -22.55 9.36
CA GLN A 710 -41.07 -23.88 9.31
C GLN A 710 -41.59 -24.80 10.40
N ASP A 711 -42.66 -24.44 11.09
CA ASP A 711 -43.28 -25.38 12.01
C ASP A 711 -43.93 -26.50 11.23
N GLY A 712 -43.78 -27.72 11.72
CA GLY A 712 -44.18 -28.90 11.00
C GLY A 712 -43.07 -29.55 10.20
N LEU A 713 -42.02 -28.80 9.86
CA LEU A 713 -40.83 -29.41 9.30
C LEU A 713 -40.23 -30.36 10.33
N SER A 714 -39.61 -31.43 9.82
CA SER A 714 -38.97 -32.39 10.70
C SER A 714 -37.75 -31.78 11.37
N LYS A 715 -37.35 -32.40 12.48
CA LYS A 715 -36.13 -32.00 13.18
C LYS A 715 -34.93 -31.94 12.24
N GLU A 716 -34.79 -32.95 11.38
CA GLU A 716 -33.65 -33.01 10.48
C GLU A 716 -33.65 -31.85 9.49
N LEU A 717 -34.83 -31.47 8.99
CA LEU A 717 -34.89 -30.36 8.04
C LEU A 717 -34.80 -29.01 8.76
N LYS A 718 -35.36 -28.92 9.97
CA LYS A 718 -35.15 -27.72 10.77
C LYS A 718 -33.66 -27.49 11.02
N ASP A 719 -32.91 -28.56 11.34
CA ASP A 719 -31.48 -28.42 11.58
C ASP A 719 -30.74 -27.99 10.31
N LEU A 720 -31.12 -28.56 9.16
CA LEU A 720 -30.47 -28.16 7.92
C LEU A 720 -30.75 -26.70 7.59
N ARG A 721 -31.98 -26.24 7.83
CA ARG A 721 -32.28 -24.83 7.60
C ARG A 721 -31.51 -23.94 8.57
N HIS A 722 -31.32 -24.42 9.79
CA HIS A 722 -30.49 -23.70 10.74
C HIS A 722 -29.06 -23.62 10.25
N LYS A 723 -28.50 -24.74 9.78
CA LYS A 723 -27.17 -24.70 9.20
C LYS A 723 -27.12 -23.77 8.00
N LEU A 724 -28.20 -23.74 7.21
CA LEU A 724 -28.22 -22.91 6.02
C LEU A 724 -28.10 -21.43 6.38
N HIS A 725 -28.96 -20.97 7.27
CA HIS A 725 -29.01 -19.54 7.54
C HIS A 725 -27.92 -19.08 8.50
N SER A 726 -27.40 -19.98 9.33
CA SER A 726 -26.14 -19.70 10.02
C SER A 726 -25.02 -19.51 9.00
N THR A 727 -24.99 -20.33 7.95
CA THR A 727 -23.92 -20.21 6.95
C THR A 727 -24.05 -18.91 6.16
N THR A 728 -25.27 -18.52 5.81
CA THR A 728 -25.47 -17.23 5.14
C THR A 728 -24.99 -16.08 6.01
N ALA A 729 -25.29 -16.12 7.31
CA ALA A 729 -24.84 -15.06 8.20
C ALA A 729 -23.32 -15.01 8.27
N LYS A 730 -22.66 -16.17 8.35
CA LYS A 730 -21.21 -16.19 8.50
C LYS A 730 -20.51 -15.74 7.21
N VAL A 731 -20.98 -16.21 6.05
CA VAL A 731 -20.35 -15.82 4.79
C VAL A 731 -20.53 -14.32 4.57
N SER A 732 -21.71 -13.79 4.87
CA SER A 732 -21.93 -12.35 4.74
C SER A 732 -20.95 -11.56 5.61
N ASP A 733 -20.70 -12.05 6.83
CA ASP A 733 -19.76 -11.37 7.72
C ASP A 733 -18.33 -11.52 7.22
N ASP A 734 -18.00 -12.71 6.70
CA ASP A 734 -16.65 -12.96 6.22
C ASP A 734 -16.36 -12.18 4.95
N TYR A 735 -17.31 -12.11 4.02
CA TYR A 735 -17.14 -11.24 2.86
C TYR A 735 -17.11 -9.78 3.28
N GLY A 736 -18.10 -9.34 4.05
CA GLY A 736 -18.34 -7.93 4.27
C GLY A 736 -17.51 -7.29 5.36
N ARG A 737 -17.50 -7.88 6.55
CA ARG A 737 -16.76 -7.28 7.66
C ARG A 737 -15.31 -7.78 7.71
N ARG A 738 -15.13 -9.10 7.81
CA ARG A 738 -13.81 -9.66 8.08
C ARG A 738 -12.93 -9.75 6.84
N GLN A 739 -13.53 -9.82 5.64
CA GLN A 739 -12.77 -9.97 4.40
C GLN A 739 -11.83 -11.18 4.46
N GLN A 740 -12.31 -12.25 5.08
CA GLN A 740 -11.60 -13.54 5.16
C GLN A 740 -12.39 -14.52 4.31
N PHE A 741 -11.92 -14.76 3.09
CA PHE A 741 -12.68 -15.59 2.16
C PHE A 741 -12.44 -17.08 2.35
N ASN A 742 -11.32 -17.47 2.97
CA ASN A 742 -11.04 -18.91 3.12
C ASN A 742 -12.01 -19.54 4.10
N THR A 743 -12.34 -18.83 5.19
CA THR A 743 -13.34 -19.33 6.13
C THR A 743 -14.75 -19.29 5.54
N ALA A 744 -15.02 -18.34 4.63
CA ALA A 744 -16.34 -18.32 3.99
C ALA A 744 -16.55 -19.57 3.16
N ILE A 745 -15.53 -19.98 2.40
CA ILE A 745 -15.62 -21.21 1.62
C ILE A 745 -15.77 -22.42 2.54
N ALA A 746 -15.04 -22.42 3.66
CA ALA A 746 -15.13 -23.54 4.60
C ALA A 746 -16.51 -23.64 5.20
N ALA A 747 -17.15 -22.48 5.43
CA ALA A 747 -18.50 -22.49 5.97
C ALA A 747 -19.48 -23.13 5.00
N VAL A 748 -19.36 -22.80 3.71
CA VAL A 748 -20.21 -23.39 2.69
C VAL A 748 -19.93 -24.89 2.53
N MET A 749 -18.69 -25.32 2.76
CA MET A 749 -18.41 -26.75 2.74
C MET A 749 -19.13 -27.48 3.88
N GLU A 750 -19.22 -26.85 5.05
CA GLU A 750 -19.89 -27.49 6.18
C GLU A 750 -21.38 -27.65 5.92
N LEU A 751 -22.02 -26.65 5.30
CA LEU A 751 -23.43 -26.76 4.96
C LEU A 751 -23.66 -27.92 4.00
N LEU A 752 -22.79 -28.07 3.00
CA LEU A 752 -22.92 -29.17 2.06
C LEU A 752 -22.74 -30.52 2.73
N ASN A 753 -21.77 -30.61 3.65
CA ASN A 753 -21.59 -31.85 4.40
C ASN A 753 -22.85 -32.18 5.19
N GLN A 754 -23.44 -31.17 5.85
CA GLN A 754 -24.69 -31.39 6.57
C GLN A 754 -25.80 -31.82 5.61
N TYR A 755 -25.91 -31.13 4.47
CA TYR A 755 -26.88 -31.48 3.45
C TYR A 755 -26.73 -32.95 3.02
N ASP A 756 -25.48 -33.42 2.86
CA ASP A 756 -25.26 -34.80 2.43
C ASP A 756 -25.72 -35.81 3.47
N LYS A 757 -25.71 -35.44 4.75
CA LYS A 757 -26.18 -36.32 5.81
C LYS A 757 -27.67 -36.15 6.09
N THR A 758 -28.42 -35.50 5.21
CA THR A 758 -29.83 -35.22 5.47
C THR A 758 -30.72 -35.84 4.39
N ASP A 759 -31.68 -36.64 4.82
CA ASP A 759 -32.70 -37.17 3.93
C ASP A 759 -33.56 -36.02 3.42
N THR A 760 -33.41 -35.67 2.14
CA THR A 760 -34.18 -34.60 1.53
C THR A 760 -35.09 -35.13 0.42
N GLY A 761 -35.49 -36.40 0.50
CA GLY A 761 -36.31 -37.01 -0.54
C GLY A 761 -37.79 -36.64 -0.50
N SER A 762 -38.32 -36.30 0.67
CA SER A 762 -39.74 -35.97 0.80
C SER A 762 -40.05 -34.65 0.10
N GLU A 763 -41.35 -34.38 -0.04
CA GLU A 763 -41.78 -33.12 -0.64
C GLU A 763 -41.22 -31.92 0.11
N GLN A 764 -41.32 -31.92 1.44
CA GLN A 764 -40.70 -30.85 2.21
C GLN A 764 -39.18 -30.93 2.12
N GLY A 765 -38.62 -32.14 2.10
CA GLY A 765 -37.18 -32.29 1.96
C GLY A 765 -36.65 -31.73 0.65
N ARG A 766 -37.39 -31.96 -0.45
CA ARG A 766 -36.96 -31.41 -1.73
C ARG A 766 -36.98 -29.88 -1.69
N ALA A 767 -37.96 -29.31 -1.01
CA ALA A 767 -38.06 -27.86 -0.94
C ALA A 767 -36.92 -27.25 -0.13
N VAL A 768 -36.50 -27.91 0.96
CA VAL A 768 -35.36 -27.43 1.73
C VAL A 768 -34.06 -27.63 0.94
N ALA A 769 -33.95 -28.75 0.21
CA ALA A 769 -32.78 -29.00 -0.62
C ALA A 769 -32.62 -27.92 -1.69
N GLN A 770 -33.71 -27.50 -2.31
CA GLN A 770 -33.66 -26.41 -3.28
C GLN A 770 -33.23 -25.11 -2.61
N GLU A 771 -33.67 -24.90 -1.38
CA GLU A 771 -33.30 -23.71 -0.62
C GLU A 771 -31.81 -23.72 -0.30
N VAL A 772 -31.26 -24.89 0.04
CA VAL A 772 -29.84 -24.99 0.37
C VAL A 772 -28.99 -24.75 -0.88
N LEU A 773 -29.33 -25.41 -1.99
CA LEU A 773 -28.50 -25.30 -3.19
C LEU A 773 -28.59 -23.91 -3.82
N GLU A 774 -29.75 -23.27 -3.74
CA GLU A 774 -29.91 -21.91 -4.25
C GLU A 774 -29.10 -20.91 -3.46
N ALA A 775 -28.93 -21.14 -2.15
CA ALA A 775 -28.10 -20.25 -1.35
C ALA A 775 -26.63 -20.53 -1.58
N ALA A 776 -26.23 -21.80 -1.50
CA ALA A 776 -24.82 -22.17 -1.64
C ALA A 776 -24.25 -21.67 -2.96
N VAL A 777 -25.05 -21.76 -4.03
CA VAL A 777 -24.57 -21.34 -5.34
C VAL A 777 -24.38 -19.83 -5.40
N ARG A 778 -25.24 -19.08 -4.71
CA ARG A 778 -25.07 -17.63 -4.68
C ARG A 778 -23.99 -17.20 -3.67
N LEU A 779 -23.84 -17.94 -2.56
CA LEU A 779 -22.81 -17.60 -1.58
C LEU A 779 -21.40 -17.72 -2.17
N LEU A 780 -21.20 -18.71 -3.05
CA LEU A 780 -19.94 -18.97 -3.71
C LEU A 780 -19.77 -18.20 -5.02
N TRP A 781 -20.82 -17.59 -5.53
CA TRP A 781 -20.72 -16.87 -6.80
C TRP A 781 -19.61 -15.83 -6.85
N PRO A 782 -19.29 -15.08 -5.77
CA PRO A 782 -18.11 -14.19 -5.85
C PRO A 782 -16.79 -14.93 -6.01
N ILE A 783 -16.66 -16.14 -5.44
CA ILE A 783 -15.40 -16.89 -5.55
C ILE A 783 -15.29 -17.56 -6.92
N VAL A 784 -16.28 -18.38 -7.27
CA VAL A 784 -16.26 -19.16 -8.50
C VAL A 784 -17.52 -18.85 -9.29
N PRO A 785 -17.59 -17.69 -9.95
CA PRO A 785 -18.85 -17.29 -10.60
C PRO A 785 -19.24 -18.15 -11.80
N HIS A 786 -18.29 -18.80 -12.47
CA HIS A 786 -18.66 -19.54 -13.68
C HIS A 786 -19.52 -20.74 -13.37
N ILE A 787 -19.04 -21.61 -12.47
CA ILE A 787 -19.81 -22.79 -12.10
C ILE A 787 -21.10 -22.40 -11.40
N CYS A 788 -21.09 -21.33 -10.59
CA CYS A 788 -22.30 -20.96 -9.86
C CYS A 788 -23.34 -20.35 -10.79
N GLU A 789 -22.90 -19.52 -11.74
CA GLU A 789 -23.80 -19.03 -12.77
C GLU A 789 -24.45 -20.20 -13.52
N THR A 790 -23.65 -21.20 -13.90
CA THR A 790 -24.16 -22.31 -14.68
C THR A 790 -25.13 -23.15 -13.85
N LEU A 791 -24.73 -23.50 -12.62
CA LEU A 791 -25.60 -24.29 -11.75
C LEU A 791 -26.87 -23.55 -11.38
N TRP A 792 -26.78 -22.22 -11.18
CA TRP A 792 -27.95 -21.46 -10.77
C TRP A 792 -29.06 -21.59 -11.81
N SER A 793 -28.72 -21.43 -13.09
CA SER A 793 -29.71 -21.49 -14.16
C SER A 793 -30.27 -22.90 -14.34
N GLU A 794 -29.56 -23.93 -13.89
CA GLU A 794 -30.16 -25.26 -13.82
C GLU A 794 -31.15 -25.37 -12.69
N LEU A 795 -31.02 -24.53 -11.65
CA LEU A 795 -31.85 -24.59 -10.46
C LEU A 795 -33.08 -23.69 -10.53
N ASN A 796 -33.01 -22.58 -11.25
CA ASN A 796 -33.93 -21.48 -11.10
C ASN A 796 -33.90 -20.64 -12.37
N GLY A 797 -35.04 -20.07 -12.73
CA GLY A 797 -35.19 -19.36 -13.99
C GLY A 797 -35.00 -17.87 -13.94
N ALA A 798 -34.75 -17.30 -12.77
CA ALA A 798 -34.57 -15.86 -12.63
C ALA A 798 -33.12 -15.50 -12.91
N LYS A 799 -32.87 -14.21 -13.07
CA LYS A 799 -31.50 -13.72 -13.17
C LYS A 799 -30.85 -13.77 -11.80
N LEU A 800 -29.65 -14.36 -11.73
CA LEU A 800 -29.02 -14.55 -10.43
C LEU A 800 -28.78 -13.21 -9.74
N TRP A 801 -28.31 -12.21 -10.48
CA TRP A 801 -28.03 -10.91 -9.89
C TRP A 801 -29.30 -10.16 -9.51
N GLU A 802 -30.45 -10.57 -10.02
CA GLU A 802 -31.71 -9.98 -9.59
C GLU A 802 -32.30 -10.69 -8.37
N ALA A 803 -32.09 -12.00 -8.26
CA ALA A 803 -32.42 -12.70 -7.03
C ALA A 803 -31.61 -12.15 -5.86
N GLY A 804 -30.32 -11.87 -6.08
CA GLY A 804 -29.52 -11.14 -5.12
C GLY A 804 -28.89 -12.01 -4.05
N TRP A 805 -28.21 -11.33 -3.13
CA TRP A 805 -27.52 -11.99 -2.04
C TRP A 805 -28.54 -12.72 -1.16
N PRO A 806 -28.26 -13.95 -0.73
CA PRO A 806 -29.21 -14.68 0.11
C PRO A 806 -29.52 -13.95 1.41
N THR A 807 -30.77 -14.07 1.86
CA THR A 807 -31.24 -13.50 3.11
C THR A 807 -31.11 -14.49 4.26
N VAL A 808 -30.89 -13.95 5.45
CA VAL A 808 -30.90 -14.73 6.69
C VAL A 808 -32.34 -14.80 7.19
N ASP A 809 -32.87 -16.02 7.33
CA ASP A 809 -34.20 -16.25 7.88
C ASP A 809 -34.03 -16.45 9.38
N GLU A 810 -34.27 -15.39 10.16
CA GLU A 810 -33.98 -15.44 11.59
C GLU A 810 -34.83 -16.49 12.30
N ALA A 811 -36.06 -16.73 11.82
CA ALA A 811 -36.88 -17.81 12.37
C ALA A 811 -36.17 -19.17 12.25
N ALA A 812 -35.31 -19.34 11.24
CA ALA A 812 -34.60 -20.60 11.09
C ALA A 812 -33.53 -20.79 12.14
N LEU A 813 -33.19 -19.73 12.88
CA LEU A 813 -32.10 -19.78 13.85
C LEU A 813 -32.59 -19.94 15.29
N VAL A 814 -33.90 -19.92 15.52
CA VAL A 814 -34.44 -20.11 16.86
C VAL A 814 -34.59 -21.61 17.10
N LYS A 815 -33.99 -22.09 18.20
CA LYS A 815 -34.04 -23.50 18.54
C LYS A 815 -35.26 -23.80 19.42
N SER A 816 -35.66 -25.07 19.43
CA SER A 816 -36.86 -25.48 20.15
C SER A 816 -36.63 -25.44 21.66
N GLU A 817 -37.73 -25.29 22.39
CA GLU A 817 -37.68 -25.18 23.85
C GLU A 817 -37.64 -26.56 24.49
N ILE A 818 -36.77 -26.71 25.50
CA ILE A 818 -36.64 -27.99 26.21
C ILE A 818 -37.26 -27.87 27.60
N VAL A 824 -38.00 -29.50 44.76
CA VAL A 824 -38.09 -28.78 46.02
C VAL A 824 -37.63 -29.68 47.16
N ASN A 825 -36.32 -29.66 47.42
CA ASN A 825 -35.70 -30.50 48.46
C ASN A 825 -36.05 -31.97 48.27
N GLY A 826 -36.10 -32.41 47.01
CA GLY A 826 -36.34 -33.80 46.70
C GLY A 826 -37.54 -34.07 45.81
N LYS A 827 -38.72 -34.18 46.43
CA LYS A 827 -39.93 -34.55 45.69
C LYS A 827 -40.27 -33.49 44.65
N LEU A 828 -40.72 -33.93 43.48
CA LEU A 828 -41.10 -33.03 42.42
C LEU A 828 -42.33 -32.22 42.83
N ARG A 829 -42.37 -30.96 42.38
CA ARG A 829 -43.50 -30.08 42.69
C ARG A 829 -43.96 -29.24 41.51
N GLY A 830 -43.27 -29.28 40.37
CA GLY A 830 -43.70 -28.49 39.23
C GLY A 830 -42.79 -28.72 38.04
N LYS A 831 -43.11 -28.02 36.96
CA LYS A 831 -42.35 -28.08 35.72
C LYS A 831 -42.46 -26.74 35.00
N ILE A 832 -41.39 -26.37 34.29
CA ILE A 832 -41.30 -25.06 33.64
C ILE A 832 -40.77 -25.23 32.22
N THR A 833 -41.27 -24.37 31.33
CA THR A 833 -40.79 -24.33 29.95
C THR A 833 -39.58 -23.41 29.87
N VAL A 834 -38.52 -23.90 29.24
CA VAL A 834 -37.23 -23.22 29.22
C VAL A 834 -36.85 -22.90 27.79
N ALA A 835 -36.13 -21.79 27.62
CA ALA A 835 -35.52 -21.50 26.33
C ALA A 835 -34.26 -22.34 26.17
N ALA A 836 -34.00 -22.78 24.94
CA ALA A 836 -32.79 -23.56 24.66
C ALA A 836 -31.51 -22.76 24.90
N ASP A 837 -31.60 -21.45 25.07
CA ASP A 837 -30.46 -20.60 25.39
C ASP A 837 -30.56 -19.99 26.78
N ALA A 838 -31.35 -20.61 27.67
CA ALA A 838 -31.53 -20.07 29.00
C ALA A 838 -30.33 -20.45 29.87
N SER A 839 -29.74 -19.44 30.52
CA SER A 839 -28.60 -19.66 31.38
C SER A 839 -29.02 -20.33 32.69
N LYS A 840 -28.02 -20.69 33.49
CA LYS A 840 -28.29 -21.30 34.79
C LYS A 840 -29.07 -20.34 35.69
N ALA A 841 -28.94 -19.04 35.48
CA ALA A 841 -29.70 -18.06 36.25
C ALA A 841 -31.16 -17.98 35.82
N ASP A 842 -31.49 -18.39 34.60
CA ASP A 842 -32.86 -18.39 34.12
C ASP A 842 -33.63 -19.64 34.55
N LEU A 843 -32.98 -20.79 34.54
CA LEU A 843 -33.60 -22.00 35.09
C LEU A 843 -33.86 -21.84 36.58
N GLU A 844 -32.87 -21.32 37.31
CA GLU A 844 -33.04 -21.10 38.74
C GLU A 844 -34.05 -19.98 39.02
N ALA A 845 -34.19 -19.03 38.09
CA ALA A 845 -35.20 -17.99 38.25
C ALA A 845 -36.60 -18.54 37.99
N ALA A 846 -36.78 -19.21 36.85
CA ALA A 846 -38.08 -19.82 36.55
C ALA A 846 -38.46 -20.86 37.59
N ALA A 847 -37.48 -21.57 38.15
CA ALA A 847 -37.76 -22.52 39.22
C ALA A 847 -38.24 -21.79 40.48
N LEU A 848 -37.57 -20.70 40.86
CA LEU A 848 -37.96 -19.90 42.01
C LEU A 848 -39.29 -19.15 41.80
N ALA A 849 -39.95 -19.33 40.65
CA ALA A 849 -41.22 -18.70 40.37
C ALA A 849 -42.38 -19.67 40.15
N ASN A 850 -42.09 -20.96 39.97
CA ASN A 850 -43.12 -21.96 39.79
C ASN A 850 -43.81 -22.27 41.12
N GLU A 851 -45.08 -22.67 41.04
CA GLU A 851 -45.84 -23.03 42.24
C GLU A 851 -45.42 -24.40 42.76
N ILE A 865 -30.11 -23.98 45.26
CA ILE A 865 -30.74 -24.18 43.96
C ILE A 865 -29.77 -24.86 43.00
N ILE A 866 -29.73 -26.19 43.03
CA ILE A 866 -28.85 -26.96 42.16
C ILE A 866 -29.56 -27.16 40.82
N VAL A 867 -28.83 -26.92 39.73
CA VAL A 867 -29.41 -26.87 38.40
C VAL A 867 -28.55 -27.70 37.46
N VAL A 868 -29.09 -28.83 37.00
CA VAL A 868 -28.55 -29.55 35.85
C VAL A 868 -29.40 -29.18 34.64
N PRO A 869 -28.87 -28.44 33.66
CA PRO A 869 -29.72 -27.93 32.58
C PRO A 869 -30.27 -29.05 31.72
N GLY A 870 -31.50 -28.85 31.23
CA GLY A 870 -32.17 -29.84 30.43
C GLY A 870 -32.80 -31.00 31.19
N ARG A 871 -32.49 -31.14 32.49
CA ARG A 871 -33.04 -32.23 33.28
C ARG A 871 -33.88 -31.70 34.43
N LEU A 872 -33.23 -31.30 35.53
CA LEU A 872 -33.96 -30.86 36.70
C LEU A 872 -33.30 -29.60 37.25
N VAL A 873 -34.12 -28.77 37.90
CA VAL A 873 -33.66 -27.70 38.77
C VAL A 873 -34.18 -28.02 40.16
N ASN A 874 -33.28 -28.15 41.12
CA ASN A 874 -33.63 -28.58 42.47
C ASN A 874 -33.24 -27.49 43.46
N ILE A 875 -34.21 -27.01 44.24
CA ILE A 875 -33.98 -26.00 45.26
C ILE A 875 -34.02 -26.70 46.61
N VAL A 876 -32.91 -26.65 47.33
CA VAL A 876 -32.78 -27.35 48.61
C VAL A 876 -33.69 -26.75 49.67
N LSU B . 1.44 -0.68 -11.41
CA LSU B . 1.91 -0.66 -10.04
C LSU B . 2.35 -2.09 -9.71
O LSU B . 2.79 -2.39 -8.63
CB LSU B . 0.83 -0.25 -9.03
CG LSU B . 0.50 1.23 -8.92
CD1 LSU B . 1.63 2.03 -8.31
CD2 LSU B . -0.78 1.41 -8.15
C1' LSU B . 0.25 -7.25 -7.07
C2 LSU B . 1.43 -9.30 -6.51
C2' LSU B . 1.04 -6.06 -6.57
C3' LSU B . 0.11 -4.93 -6.93
C4 LSU B . 3.09 -10.19 -8.08
C4' LSU B . -0.49 -5.39 -8.25
C5 LSU B . 2.70 -9.18 -9.00
C5' LSU B . 0.14 -4.83 -9.49
C6 LSU B . 1.76 -8.30 -8.66
N1 LSU B . 1.14 -8.33 -7.44
N3 LSU B . 2.41 -10.17 -6.88
N3S LSU B . 2.23 -3.06 -10.67
O1S LSU B . 1.97 -5.16 -11.81
O2 LSU B . 0.83 -9.42 -5.46
O2' LSU B . 1.20 -6.19 -5.18
O2S LSU B . 3.74 -4.97 -10.14
O3' LSU B . -0.89 -4.78 -5.94
O4 LSU B . 3.93 -11.06 -8.29
O4' LSU B . -0.39 -6.82 -8.25
O5' LSU B . 1.53 -5.18 -9.44
S LSU B . 2.45 -4.63 -10.60
ZN ZN C . 10.36 33.39 -25.55
C1 EDO D . -11.73 5.73 5.88
O1 EDO D . -10.82 4.70 6.27
C2 EDO D . -13.15 5.39 6.34
O2 EDO D . -13.17 5.24 7.76
C1 EDO E . -34.34 -16.05 -1.36
O1 EDO E . -33.55 -15.63 -2.48
C2 EDO E . -33.73 -15.51 -0.06
O2 EDO E . -32.49 -16.17 0.22
MG MG F . -15.37 8.64 8.84
#